data_7QKC
#
_entry.id   7QKC
#
_cell.length_a   57.050
_cell.length_b   62.460
_cell.length_c   67.540
_cell.angle_alpha   105.323
_cell.angle_beta   93.910
_cell.angle_gamma   115.390
#
_symmetry.space_group_name_H-M   'P 1'
#
loop_
_entity.id
_entity.type
_entity.pdbx_description
1 polymer 'Cathepsin L'
2 non-polymer DI(HYDROXYETHYL)ETHER
3 non-polymer Calpeptin
4 water water
#
_entity_poly.entity_id   1
_entity_poly.type   'polypeptide(L)'
_entity_poly.pdbx_seq_one_letter_code
;APRSVDWREKGYVTPVKNQGQCGSCWAFSATGALEGQMFRKTGRLISLSEQNLVDCSGPQGNEGCNGGLMDYAFQYVQDN
GGLDSEESYPYEATEESCKYNPKYSVANDAGFVDIPKQEKALMKAVATVGPISVAIDAGHESFLFYKEGIYFEPDCSSED
MDHGVLVVGYGFESTESDNNKYWLVKNSWGEEWGMGGYVKMAKDRRNHCGIASAASYPTV
;
_entity_poly.pdbx_strand_id   A,B,C,D
#
loop_
_chem_comp.id
_chem_comp.type
_chem_comp.name
_chem_comp.formula
PEG non-polymer DI(HYDROXYETHYL)ETHER 'C4 H10 O3'
RN2 non-polymer Calpeptin 'C20 H32 N2 O4'
#
# COMPACT_ATOMS: atom_id res chain seq x y z
N ALA A 1 0.17 -21.94 4.91
CA ALA A 1 0.83 -20.84 5.65
C ALA A 1 -0.01 -19.57 5.52
N PRO A 2 0.29 -18.56 6.33
CA PRO A 2 -0.44 -17.29 6.19
C PRO A 2 -0.20 -16.64 4.83
N ARG A 3 -1.14 -15.77 4.47
CA ARG A 3 -1.02 -14.99 3.25
C ARG A 3 -0.07 -13.82 3.44
N SER A 4 0.03 -13.31 4.66
CA SER A 4 0.80 -12.11 4.99
C SER A 4 1.48 -12.34 6.33
N VAL A 5 2.74 -11.91 6.41
CA VAL A 5 3.57 -12.02 7.60
C VAL A 5 4.40 -10.75 7.69
N ASP A 6 4.54 -10.17 8.88
CA ASP A 6 5.46 -9.03 9.04
C ASP A 6 6.04 -9.06 10.45
N TRP A 7 7.28 -9.52 10.57
CA TRP A 7 7.85 -9.68 11.90
C TRP A 7 8.20 -8.36 12.57
N ARG A 8 8.22 -7.26 11.83
CA ARG A 8 8.39 -5.95 12.44
C ARG A 8 7.28 -5.66 13.43
N GLU A 9 6.05 -6.09 13.12
CA GLU A 9 4.92 -5.85 14.01
C GLU A 9 5.01 -6.65 15.29
N LYS A 10 5.88 -7.66 15.32
CA LYS A 10 6.02 -8.52 16.47
C LYS A 10 7.24 -8.19 17.32
N GLY A 11 8.02 -7.18 16.91
CA GLY A 11 9.15 -6.70 17.68
C GLY A 11 10.46 -7.37 17.40
N TYR A 12 10.59 -8.07 16.28
CA TYR A 12 11.74 -8.88 15.97
C TYR A 12 12.83 -8.12 15.24
N VAL A 13 12.58 -6.89 14.83
CA VAL A 13 13.42 -6.24 13.81
C VAL A 13 13.88 -4.87 14.30
N THR A 14 15.21 -4.66 14.29
CA THR A 14 15.82 -3.38 14.60
C THR A 14 15.64 -2.40 13.42
N PRO A 15 15.90 -1.11 13.64
CA PRO A 15 15.79 -0.17 12.51
C PRO A 15 16.81 -0.46 11.43
N VAL A 16 16.56 0.14 10.27
CA VAL A 16 17.44 0.00 9.10
C VAL A 16 18.79 0.61 9.38
N LYS A 17 19.84 -0.12 9.02
CA LYS A 17 21.22 0.29 9.21
C LYS A 17 21.84 0.62 7.86
N ASN A 18 23.10 1.08 7.91
CA ASN A 18 23.77 1.52 6.69
C ASN A 18 25.19 0.98 6.69
N GLN A 19 25.45 0.02 5.80
CA GLN A 19 26.77 -0.56 5.70
C GLN A 19 27.80 0.37 5.09
N GLY A 20 27.40 1.52 4.54
CA GLY A 20 28.38 2.43 3.99
C GLY A 20 29.01 1.85 2.74
N GLN A 21 30.29 2.19 2.54
CA GLN A 21 31.03 1.76 1.36
C GLN A 21 32.00 0.64 1.74
N CYS A 22 31.45 -0.43 2.26
CA CYS A 22 32.15 -1.64 2.65
C CYS A 22 31.27 -2.79 2.19
N GLY A 23 31.88 -3.88 1.72
CA GLY A 23 31.14 -5.06 1.29
C GLY A 23 30.75 -6.01 2.40
N SER A 24 30.02 -5.47 3.37
CA SER A 24 29.70 -6.15 4.61
C SER A 24 28.22 -6.50 4.72
N CYS A 25 27.49 -6.52 3.61
CA CYS A 25 26.07 -6.82 3.64
C CYS A 25 25.79 -8.13 4.36
N TRP A 26 26.66 -9.13 4.17
CA TRP A 26 26.50 -10.43 4.82
C TRP A 26 26.45 -10.30 6.35
N ALA A 27 27.20 -9.36 6.92
CA ALA A 27 27.21 -9.18 8.37
C ALA A 27 25.92 -8.53 8.85
N PHE A 28 25.35 -7.61 8.05
CA PHE A 28 24.06 -6.97 8.39
C PHE A 28 22.93 -7.97 8.29
N SER A 29 22.97 -8.82 7.26
CA SER A 29 21.97 -9.87 7.12
C SER A 29 22.05 -10.82 8.31
N ALA A 30 23.28 -11.22 8.68
CA ALA A 30 23.43 -12.14 9.79
C ALA A 30 22.98 -11.53 11.11
N THR A 31 23.41 -10.30 11.43
CA THR A 31 22.97 -9.70 12.67
C THR A 31 21.45 -9.57 12.70
N GLY A 32 20.82 -9.24 11.56
CA GLY A 32 19.38 -9.14 11.51
C GLY A 32 18.69 -10.44 11.87
N ALA A 33 19.17 -11.55 11.32
CA ALA A 33 18.56 -12.84 11.64
C ALA A 33 18.81 -13.23 13.10
N LEU A 34 19.99 -12.92 13.62
CA LEU A 34 20.27 -13.28 15.00
C LEU A 34 19.54 -12.34 15.97
N GLU A 35 19.36 -11.06 15.61
CA GLU A 35 18.54 -10.17 16.42
C GLU A 35 17.12 -10.71 16.59
N GLY A 36 16.58 -11.27 15.51
CA GLY A 36 15.24 -11.83 15.55
C GLY A 36 15.16 -13.08 16.40
N GLN A 37 16.13 -13.99 16.23
CA GLN A 37 16.08 -15.22 17.01
C GLN A 37 16.39 -14.96 18.48
N MET A 38 17.29 -14.02 18.77
CA MET A 38 17.53 -13.67 20.16
C MET A 38 16.27 -13.10 20.79
N PHE A 39 15.56 -12.26 20.05
CA PHE A 39 14.33 -11.68 20.57
C PHE A 39 13.29 -12.77 20.84
N ARG A 40 13.17 -13.71 19.92
CA ARG A 40 12.24 -14.82 20.12
C ARG A 40 12.52 -15.54 21.43
N LYS A 41 13.81 -15.72 21.76
CA LYS A 41 14.18 -16.46 22.96
C LYS A 41 13.99 -15.64 24.24
N THR A 42 14.48 -14.40 24.26
CA THR A 42 14.59 -13.60 25.48
C THR A 42 13.55 -12.50 25.59
N GLY A 43 12.89 -12.15 24.50
CA GLY A 43 11.95 -11.05 24.52
C GLY A 43 12.60 -9.70 24.57
N ARG A 44 13.90 -9.61 24.31
CA ARG A 44 14.64 -8.36 24.28
C ARG A 44 15.30 -8.18 22.92
N LEU A 45 15.05 -7.04 22.28
CA LEU A 45 15.63 -6.69 20.99
C LEU A 45 16.88 -5.86 21.23
N ILE A 46 18.03 -6.40 20.85
CA ILE A 46 19.31 -5.73 21.07
C ILE A 46 20.05 -5.70 19.74
N SER A 47 20.34 -4.51 19.25
CA SER A 47 21.10 -4.37 18.01
C SER A 47 22.49 -4.98 18.19
N LEU A 48 22.91 -5.78 17.22
CA LEU A 48 24.19 -6.49 17.30
C LEU A 48 25.26 -5.87 16.39
N SER A 49 26.51 -6.27 16.67
CA SER A 49 27.69 -5.62 16.08
C SER A 49 28.09 -6.29 14.77
N GLU A 50 27.83 -5.60 13.66
CA GLU A 50 28.38 -6.02 12.38
C GLU A 50 29.89 -5.90 12.36
N GLN A 51 30.44 -4.88 13.03
CA GLN A 51 31.87 -4.72 13.02
C GLN A 51 32.55 -5.92 13.68
N ASN A 52 31.93 -6.46 14.71
CA ASN A 52 32.46 -7.67 15.35
C ASN A 52 32.59 -8.78 14.32
N LEU A 53 31.60 -8.94 13.44
CA LEU A 53 31.68 -9.98 12.43
C LEU A 53 32.75 -9.66 11.38
N VAL A 54 32.76 -8.41 10.91
CA VAL A 54 33.71 -8.00 9.86
C VAL A 54 35.14 -8.23 10.31
N ASP A 55 35.44 -7.84 11.56
CA ASP A 55 36.81 -7.94 12.06
C ASP A 55 37.23 -9.36 12.43
N CYS A 56 36.29 -10.22 12.87
CA CYS A 56 36.64 -11.40 13.66
C CYS A 56 36.30 -12.74 13.02
N SER A 57 35.40 -12.79 12.03
CA SER A 57 34.95 -14.07 11.51
C SER A 57 35.74 -14.54 10.28
N GLY A 58 36.95 -14.00 10.02
CA GLY A 58 37.79 -14.54 9.00
C GLY A 58 38.06 -16.03 9.13
N PRO A 59 38.31 -16.55 10.31
CA PRO A 59 38.61 -17.99 10.42
C PRO A 59 37.45 -18.86 9.99
N GLN A 60 36.22 -18.36 10.03
CA GLN A 60 35.10 -19.13 9.53
C GLN A 60 34.95 -19.03 8.02
N GLY A 61 35.78 -18.21 7.36
CA GLY A 61 35.75 -18.05 5.92
C GLY A 61 35.29 -16.70 5.40
N ASN A 62 34.95 -15.77 6.28
CA ASN A 62 34.56 -14.45 5.81
C ASN A 62 35.77 -13.59 5.48
N GLU A 63 35.55 -12.59 4.63
CA GLU A 63 36.62 -11.73 4.17
C GLU A 63 36.29 -10.26 4.35
N GLY A 64 35.67 -9.93 5.48
CA GLY A 64 35.57 -8.53 5.87
C GLY A 64 34.78 -7.72 4.87
N CYS A 65 35.36 -6.58 4.46
CA CYS A 65 34.70 -5.71 3.50
C CYS A 65 34.75 -6.26 2.09
N ASN A 66 35.48 -7.35 1.87
CA ASN A 66 35.54 -7.98 0.56
C ASN A 66 34.54 -9.11 0.41
N GLY A 67 33.68 -9.32 1.37
CA GLY A 67 32.55 -10.23 1.23
C GLY A 67 32.58 -11.31 2.30
N GLY A 68 31.47 -12.04 2.36
CA GLY A 68 31.31 -13.07 3.37
C GLY A 68 29.99 -13.79 3.19
N LEU A 69 29.65 -14.61 4.18
CA LEU A 69 28.41 -15.38 4.10
C LEU A 69 27.76 -15.40 5.46
N MET A 70 26.44 -15.33 5.49
CA MET A 70 25.74 -15.34 6.76
C MET A 70 26.02 -16.61 7.55
N ASP A 71 26.06 -17.77 6.87
CA ASP A 71 26.32 -19.02 7.58
C ASP A 71 27.68 -19.01 8.30
N TYR A 72 28.69 -18.40 7.68
CA TYR A 72 29.98 -18.27 8.33
C TYR A 72 29.88 -17.37 9.56
N ALA A 73 29.07 -16.32 9.47
CA ALA A 73 28.84 -15.46 10.63
C ALA A 73 28.19 -16.23 11.77
N PHE A 74 27.17 -17.04 11.45
CA PHE A 74 26.51 -17.83 12.48
C PHE A 74 27.48 -18.83 13.10
N GLN A 75 28.35 -19.41 12.26
CA GLN A 75 29.38 -20.33 12.74
C GLN A 75 30.35 -19.63 13.68
N TYR A 76 30.73 -18.38 13.34
CA TYR A 76 31.60 -17.59 14.22
C TYR A 76 30.98 -17.39 15.59
N VAL A 77 29.70 -16.99 15.62
CA VAL A 77 29.06 -16.72 16.89
C VAL A 77 29.05 -17.98 17.75
N GLN A 78 28.81 -19.15 17.14
CA GLN A 78 28.84 -20.42 17.88
C GLN A 78 30.24 -20.73 18.39
N ASP A 79 31.22 -20.74 17.46
CA ASP A 79 32.60 -21.07 17.81
C ASP A 79 33.15 -20.08 18.82
N ASN A 80 32.81 -18.81 18.66
CA ASN A 80 33.38 -17.75 19.48
C ASN A 80 32.73 -17.69 20.85
N GLY A 81 31.54 -18.27 20.98
CA GLY A 81 30.80 -18.20 22.22
C GLY A 81 30.14 -16.88 22.51
N GLY A 82 29.91 -16.05 21.49
CA GLY A 82 29.27 -14.77 21.73
C GLY A 82 29.46 -13.79 20.59
N LEU A 83 28.75 -12.67 20.72
CA LEU A 83 28.79 -11.57 19.77
C LEU A 83 28.45 -10.29 20.53
N ASP A 84 29.23 -9.25 20.35
CA ASP A 84 29.02 -8.01 21.09
C ASP A 84 27.83 -7.24 20.55
N SER A 85 27.31 -6.34 21.39
CA SER A 85 26.23 -5.47 20.97
C SER A 85 26.76 -4.37 20.04
N GLU A 86 25.85 -3.83 19.23
CA GLU A 86 26.18 -2.70 18.38
C GLU A 86 26.71 -1.54 19.19
N GLU A 87 26.08 -1.27 20.34
CA GLU A 87 26.49 -0.12 21.14
C GLU A 87 27.92 -0.28 21.64
N SER A 88 28.31 -1.51 21.99
CA SER A 88 29.63 -1.76 22.56
C SER A 88 30.73 -1.87 21.51
N TYR A 89 30.37 -2.16 20.26
CA TYR A 89 31.36 -2.47 19.21
C TYR A 89 30.80 -1.86 17.93
N PRO A 90 30.83 -0.55 17.82
CA PRO A 90 30.06 0.13 16.77
C PRO A 90 30.71 0.00 15.39
N TYR A 91 29.92 0.34 14.39
CA TYR A 91 30.28 0.05 13.02
C TYR A 91 31.10 1.16 12.41
N GLU A 92 32.23 0.78 11.81
CA GLU A 92 33.16 1.73 11.23
C GLU A 92 33.34 1.59 9.72
N ALA A 93 32.71 0.60 9.07
CA ALA A 93 32.73 0.44 7.60
C ALA A 93 34.15 0.26 7.06
N THR A 94 35.04 -0.27 7.88
CA THR A 94 36.36 -0.68 7.41
C THR A 94 36.83 -1.84 8.28
N GLU A 95 37.59 -2.75 7.68
CA GLU A 95 38.07 -3.93 8.41
C GLU A 95 39.27 -3.56 9.28
N GLU A 96 39.18 -3.94 10.57
CA GLU A 96 40.22 -3.72 11.56
C GLU A 96 40.53 -5.03 12.28
N SER A 97 41.54 -5.00 13.15
CA SER A 97 41.79 -6.19 13.95
C SER A 97 40.62 -6.43 14.92
N CYS A 98 40.50 -7.68 15.38
N CYS A 98 40.54 -7.68 15.39
CA CYS A 98 39.38 -8.10 16.21
CA CYS A 98 39.45 -8.11 16.26
C CYS A 98 39.48 -7.48 17.60
C CYS A 98 39.51 -7.44 17.62
N LYS A 99 38.38 -6.89 18.06
CA LYS A 99 38.26 -6.31 19.40
C LYS A 99 37.15 -6.91 20.24
N TYR A 100 36.74 -8.14 19.91
CA TYR A 100 35.67 -8.78 20.65
C TYR A 100 35.99 -8.83 22.14
N ASN A 101 35.00 -8.51 22.95
CA ASN A 101 35.12 -8.57 24.42
C ASN A 101 33.95 -9.39 24.92
N PRO A 102 34.19 -10.58 25.48
CA PRO A 102 33.06 -11.39 25.95
C PRO A 102 32.21 -10.70 27.00
N LYS A 103 32.75 -9.76 27.77
CA LYS A 103 31.91 -9.10 28.76
C LYS A 103 30.71 -8.41 28.13
N TYR A 104 30.86 -7.93 26.90
CA TYR A 104 29.79 -7.20 26.22
C TYR A 104 29.02 -8.06 25.23
N SER A 105 29.21 -9.37 25.27
CA SER A 105 28.41 -10.24 24.40
C SER A 105 26.95 -10.25 24.84
N VAL A 106 26.05 -10.18 23.87
CA VAL A 106 24.61 -10.18 24.15
C VAL A 106 23.86 -11.22 23.35
N ALA A 107 24.56 -12.01 22.52
CA ALA A 107 23.92 -12.99 21.66
C ALA A 107 24.79 -14.23 21.55
N ASN A 108 24.15 -15.36 21.28
CA ASN A 108 24.81 -16.65 21.11
C ASN A 108 24.03 -17.43 20.06
N ASP A 109 24.66 -18.40 19.42
CA ASP A 109 23.86 -19.37 18.69
C ASP A 109 24.55 -20.71 18.76
N ALA A 110 23.80 -21.74 18.38
CA ALA A 110 24.27 -23.11 18.42
C ALA A 110 24.28 -23.72 17.03
N GLY A 111 24.58 -22.90 16.02
CA GLY A 111 24.59 -23.39 14.67
C GLY A 111 23.57 -22.65 13.84
N PHE A 112 23.17 -23.24 12.72
CA PHE A 112 22.26 -22.58 11.79
C PHE A 112 21.53 -23.66 11.00
N VAL A 113 20.51 -23.23 10.28
CA VAL A 113 19.69 -24.10 9.45
C VAL A 113 19.66 -23.52 8.05
N ASP A 114 20.09 -24.31 7.07
CA ASP A 114 19.94 -23.95 5.67
C ASP A 114 18.58 -24.42 5.19
N ILE A 115 17.85 -23.54 4.52
CA ILE A 115 16.49 -23.79 4.04
C ILE A 115 16.59 -24.41 2.64
N PRO A 116 15.80 -25.43 2.32
CA PRO A 116 15.78 -25.94 0.95
C PRO A 116 15.60 -24.79 -0.04
N LYS A 117 16.20 -24.96 -1.23
CA LYS A 117 16.25 -23.92 -2.25
C LYS A 117 14.94 -23.86 -3.04
N GLN A 118 13.88 -23.54 -2.32
CA GLN A 118 12.54 -23.39 -2.89
C GLN A 118 11.81 -22.27 -2.16
N GLU A 119 11.06 -21.47 -2.92
CA GLU A 119 10.33 -20.38 -2.27
C GLU A 119 9.24 -20.91 -1.35
N LYS A 120 8.67 -22.06 -1.64
CA LYS A 120 7.68 -22.64 -0.73
C LYS A 120 8.30 -22.92 0.64
N ALA A 121 9.53 -23.43 0.67
CA ALA A 121 10.20 -23.70 1.94
C ALA A 121 10.62 -22.41 2.62
N LEU A 122 11.09 -21.41 1.85
CA LEU A 122 11.36 -20.11 2.45
C LEU A 122 10.11 -19.52 3.08
N MET A 123 8.97 -19.64 2.40
CA MET A 123 7.74 -19.09 2.97
C MET A 123 7.39 -19.75 4.31
N LYS A 124 7.51 -21.07 4.40
CA LYS A 124 7.25 -21.76 5.66
C LYS A 124 8.21 -21.31 6.76
N ALA A 125 9.49 -21.11 6.42
CA ALA A 125 10.45 -20.65 7.41
C ALA A 125 10.09 -19.24 7.89
N VAL A 126 9.81 -18.33 6.97
CA VAL A 126 9.43 -16.97 7.39
C VAL A 126 8.17 -17.01 8.25
N ALA A 127 7.24 -17.91 7.93
CA ALA A 127 5.97 -17.89 8.65
C ALA A 127 6.11 -18.39 10.08
N THR A 128 7.10 -19.22 10.35
CA THR A 128 7.19 -19.95 11.61
C THR A 128 8.41 -19.61 12.43
N VAL A 129 9.50 -19.15 11.81
CA VAL A 129 10.75 -18.95 12.51
C VAL A 129 10.95 -17.50 12.91
N GLY A 130 10.77 -16.59 11.97
CA GLY A 130 11.22 -15.23 12.16
C GLY A 130 11.96 -14.75 10.92
N PRO A 131 12.59 -13.58 11.02
CA PRO A 131 13.36 -13.06 9.89
C PRO A 131 14.42 -14.05 9.47
N ILE A 132 14.63 -14.13 8.16
CA ILE A 132 15.51 -15.11 7.54
C ILE A 132 16.58 -14.41 6.72
N SER A 133 17.84 -14.83 6.88
CA SER A 133 18.93 -14.32 6.06
C SER A 133 18.86 -14.90 4.64
N VAL A 134 18.98 -14.04 3.62
CA VAL A 134 18.96 -14.52 2.24
C VAL A 134 19.99 -13.75 1.43
N ALA A 135 20.37 -14.33 0.32
CA ALA A 135 21.26 -13.71 -0.66
C ALA A 135 20.48 -13.42 -1.93
N ILE A 136 20.72 -12.25 -2.55
CA ILE A 136 20.02 -11.87 -3.77
C ILE A 136 21.01 -11.30 -4.77
N ASP A 137 20.63 -11.36 -6.05
CA ASP A 137 21.26 -10.61 -7.13
C ASP A 137 20.74 -9.18 -7.08
N ALA A 138 21.55 -8.27 -6.53
CA ALA A 138 21.17 -6.87 -6.42
C ALA A 138 21.96 -5.98 -7.37
N GLY A 139 22.68 -6.59 -8.32
CA GLY A 139 23.56 -5.84 -9.21
C GLY A 139 22.87 -5.27 -10.43
N HIS A 140 21.86 -4.43 -10.22
CA HIS A 140 21.13 -3.80 -11.31
C HIS A 140 20.74 -2.39 -10.92
N GLU A 141 20.79 -1.49 -11.90
CA GLU A 141 20.49 -0.09 -11.63
C GLU A 141 19.08 0.04 -11.07
N SER A 142 18.14 -0.78 -11.56
CA SER A 142 16.76 -0.73 -11.09
C SER A 142 16.69 -0.95 -9.60
N PHE A 143 17.61 -1.73 -9.05
CA PHE A 143 17.61 -1.97 -7.60
C PHE A 143 18.09 -0.74 -6.86
N LEU A 144 19.10 -0.03 -7.40
CA LEU A 144 19.59 1.19 -6.77
C LEU A 144 18.49 2.25 -6.65
N PHE A 145 17.65 2.38 -7.66
CA PHE A 145 16.68 3.45 -7.73
C PHE A 145 15.30 3.04 -7.23
N TYR A 146 15.18 1.83 -6.66
CA TYR A 146 13.89 1.35 -6.22
C TYR A 146 13.27 2.31 -5.22
N LYS A 147 11.98 2.61 -5.41
CA LYS A 147 11.28 3.49 -4.47
C LYS A 147 10.01 2.89 -3.87
N GLU A 148 9.24 2.11 -4.64
CA GLU A 148 7.87 1.76 -4.29
C GLU A 148 7.50 0.53 -5.11
N GLY A 149 6.53 -0.20 -4.61
CA GLY A 149 5.95 -1.31 -5.35
C GLY A 149 6.76 -2.58 -5.27
N ILE A 150 6.38 -3.53 -6.10
CA ILE A 150 7.01 -4.84 -6.11
C ILE A 150 8.14 -4.80 -7.12
N TYR A 151 9.35 -5.07 -6.64
CA TYR A 151 10.54 -5.05 -7.46
C TYR A 151 10.61 -6.30 -8.33
N PHE A 152 10.72 -6.11 -9.63
CA PHE A 152 10.92 -7.22 -10.57
C PHE A 152 11.87 -6.76 -11.67
N GLU A 153 12.95 -7.51 -11.84
CA GLU A 153 14.02 -7.18 -12.77
C GLU A 153 14.19 -8.37 -13.72
N PRO A 154 13.73 -8.27 -14.96
CA PRO A 154 13.81 -9.44 -15.85
C PRO A 154 15.20 -10.03 -16.03
N ASP A 155 16.26 -9.24 -15.81
CA ASP A 155 17.62 -9.69 -16.02
C ASP A 155 18.28 -10.15 -14.73
N CYS A 156 17.49 -10.39 -13.68
CA CYS A 156 18.01 -10.88 -12.41
C CYS A 156 18.36 -12.35 -12.50
N SER A 157 19.50 -12.72 -11.93
CA SER A 157 19.94 -14.11 -11.91
C SER A 157 19.41 -14.81 -10.67
N SER A 158 18.97 -16.06 -10.83
CA SER A 158 18.56 -16.88 -9.70
C SER A 158 19.72 -17.67 -9.12
N GLU A 159 20.91 -17.53 -9.71
CA GLU A 159 22.07 -18.36 -9.46
C GLU A 159 23.24 -17.57 -8.89
N ASP A 160 23.46 -16.35 -9.37
CA ASP A 160 24.65 -15.56 -9.07
C ASP A 160 24.21 -14.41 -8.17
N MET A 161 24.25 -14.65 -6.86
CA MET A 161 23.82 -13.66 -5.89
C MET A 161 25.06 -12.87 -5.45
N ASP A 162 24.85 -11.57 -5.09
CA ASP A 162 25.99 -10.74 -4.72
C ASP A 162 25.74 -9.89 -3.48
N HIS A 163 24.61 -10.09 -2.78
CA HIS A 163 24.15 -9.18 -1.73
C HIS A 163 23.30 -9.92 -0.70
N GLY A 164 23.70 -9.81 0.57
CA GLY A 164 22.94 -10.42 1.65
C GLY A 164 21.95 -9.43 2.25
N VAL A 165 20.71 -9.88 2.45
CA VAL A 165 19.65 -9.06 3.03
C VAL A 165 18.80 -9.91 3.97
N LEU A 166 17.67 -9.37 4.45
CA LEU A 166 16.91 -10.00 5.52
C LEU A 166 15.43 -9.98 5.15
N VAL A 167 14.85 -11.16 4.98
CA VAL A 167 13.41 -11.29 4.76
C VAL A 167 12.70 -11.21 6.11
N VAL A 168 11.87 -10.19 6.29
CA VAL A 168 11.15 -9.97 7.54
C VAL A 168 9.68 -10.28 7.40
N GLY A 169 9.25 -10.73 6.23
CA GLY A 169 7.85 -11.00 6.02
C GLY A 169 7.55 -11.22 4.55
N TYR A 170 6.26 -11.30 4.25
CA TYR A 170 5.81 -11.37 2.87
C TYR A 170 4.35 -10.93 2.86
N GLY A 171 3.85 -10.65 1.67
CA GLY A 171 2.52 -10.14 1.56
C GLY A 171 2.09 -10.08 0.12
N PHE A 172 1.06 -9.28 -0.12
CA PHE A 172 0.55 -9.10 -1.47
C PHE A 172 0.00 -7.69 -1.63
N GLU A 173 -0.03 -7.24 -2.88
CA GLU A 173 -0.82 -6.07 -3.24
C GLU A 173 -1.19 -6.16 -4.71
N SER A 174 -2.34 -5.61 -5.05
CA SER A 174 -2.80 -5.66 -6.43
C SER A 174 -1.88 -4.88 -7.35
N THR A 175 -1.57 -5.47 -8.51
CA THR A 175 -0.71 -4.83 -9.49
C THR A 175 -1.28 -4.96 -10.89
N GLU A 176 -0.72 -4.14 -11.79
CA GLU A 176 -1.12 -4.15 -13.18
C GLU A 176 -0.97 -5.52 -13.80
N SER A 177 0.14 -6.22 -13.51
CA SER A 177 0.43 -7.49 -14.16
C SER A 177 -0.15 -8.70 -13.42
N ASP A 178 -0.72 -8.48 -12.25
CA ASP A 178 -1.31 -9.53 -11.43
C ASP A 178 -0.27 -10.51 -10.91
N ASN A 179 0.98 -10.06 -10.84
CA ASN A 179 2.04 -10.68 -10.06
C ASN A 179 2.08 -9.90 -8.75
N ASN A 180 1.30 -10.38 -7.77
CA ASN A 180 0.94 -9.55 -6.62
C ASN A 180 1.65 -9.89 -5.34
N LYS A 181 2.45 -10.94 -5.32
CA LYS A 181 3.06 -11.41 -4.09
C LYS A 181 4.46 -10.86 -3.97
N TYR A 182 4.87 -10.54 -2.74
CA TYR A 182 6.21 -10.08 -2.49
C TYR A 182 6.80 -10.61 -1.18
N TRP A 183 8.13 -10.63 -1.17
CA TRP A 183 8.90 -10.78 0.05
C TRP A 183 9.19 -9.38 0.58
N LEU A 184 9.01 -9.19 1.87
CA LEU A 184 9.37 -7.94 2.51
C LEU A 184 10.81 -8.04 3.01
N VAL A 185 11.68 -7.22 2.43
CA VAL A 185 13.12 -7.36 2.59
C VAL A 185 13.69 -6.11 3.20
N LYS A 186 14.40 -6.27 4.30
CA LYS A 186 15.20 -5.22 4.90
C LYS A 186 16.59 -5.20 4.26
N ASN A 187 16.98 -4.03 3.77
CA ASN A 187 18.31 -3.82 3.22
C ASN A 187 19.17 -3.08 4.24
N SER A 188 20.44 -2.90 3.91
CA SER A 188 21.41 -2.23 4.78
C SER A 188 22.06 -1.04 4.06
N TRP A 189 21.26 -0.30 3.28
CA TRP A 189 21.74 0.90 2.59
C TRP A 189 21.15 2.19 3.17
N GLY A 190 20.67 2.14 4.42
CA GLY A 190 20.07 3.30 5.06
C GLY A 190 18.61 3.46 4.68
N GLU A 191 17.93 4.35 5.40
CA GLU A 191 16.49 4.45 5.23
C GLU A 191 16.11 5.34 4.06
N GLU A 192 17.08 6.06 3.48
CA GLU A 192 16.82 6.87 2.29
C GLU A 192 16.66 6.01 1.05
N TRP A 193 17.19 4.79 1.06
CA TRP A 193 17.04 3.86 -0.05
C TRP A 193 15.67 3.19 0.01
N GLY A 194 15.03 3.01 -1.15
CA GLY A 194 13.80 2.24 -1.21
C GLY A 194 12.70 2.84 -0.36
N MET A 195 11.92 1.96 0.27
CA MET A 195 10.76 2.33 1.07
C MET A 195 11.19 2.31 2.54
N GLY A 196 11.73 3.43 3.00
CA GLY A 196 12.30 3.42 4.34
C GLY A 196 13.41 2.41 4.53
N GLY A 197 14.13 2.05 3.46
CA GLY A 197 15.20 1.07 3.54
C GLY A 197 14.76 -0.35 3.28
N TYR A 198 13.49 -0.56 2.97
CA TYR A 198 12.91 -1.84 2.65
C TYR A 198 12.57 -1.90 1.18
N VAL A 199 12.50 -3.13 0.67
CA VAL A 199 12.06 -3.43 -0.69
C VAL A 199 11.08 -4.58 -0.64
N LYS A 200 10.05 -4.49 -1.47
CA LYS A 200 9.15 -5.60 -1.72
C LYS A 200 9.65 -6.32 -2.97
N MET A 201 10.19 -7.50 -2.78
N MET A 201 10.21 -7.52 -2.76
CA MET A 201 10.77 -8.26 -3.89
CA MET A 201 10.79 -8.32 -3.82
C MET A 201 9.79 -9.32 -4.36
C MET A 201 9.77 -9.32 -4.35
N ALA A 202 9.75 -9.49 -5.67
CA ALA A 202 8.80 -10.40 -6.30
C ALA A 202 8.89 -11.79 -5.70
N LYS A 203 7.72 -12.31 -5.35
CA LYS A 203 7.59 -13.63 -4.74
C LYS A 203 6.81 -14.58 -5.64
N ASP A 204 7.30 -15.82 -5.67
CA ASP A 204 6.73 -16.88 -6.48
C ASP A 204 6.77 -16.54 -7.96
N ARG A 205 7.86 -15.88 -8.36
CA ARG A 205 8.18 -15.62 -9.76
C ARG A 205 9.52 -16.27 -10.09
N ARG A 206 9.56 -17.60 -10.06
CA ARG A 206 10.75 -18.37 -10.47
C ARG A 206 11.98 -17.98 -9.66
N ASN A 207 11.81 -17.88 -8.35
CA ASN A 207 12.92 -17.59 -7.44
C ASN A 207 13.67 -16.35 -7.90
N HIS A 208 12.91 -15.27 -7.99
CA HIS A 208 13.41 -14.02 -8.54
C HIS A 208 14.60 -13.50 -7.74
N CYS A 209 15.68 -13.18 -8.46
CA CYS A 209 16.95 -12.72 -7.93
C CYS A 209 17.59 -13.70 -6.97
N GLY A 210 17.15 -14.97 -6.98
CA GLY A 210 17.81 -16.00 -6.18
C GLY A 210 17.49 -15.98 -4.71
N ILE A 211 16.38 -15.36 -4.32
CA ILE A 211 16.11 -15.08 -2.93
C ILE A 211 15.96 -16.34 -2.09
N ALA A 212 15.55 -17.45 -2.70
CA ALA A 212 15.44 -18.70 -1.95
C ALA A 212 16.67 -19.59 -2.10
N SER A 213 17.74 -19.11 -2.72
CA SER A 213 18.85 -19.98 -3.10
C SER A 213 19.88 -20.16 -2.00
N ALA A 214 20.01 -19.21 -1.09
CA ALA A 214 20.95 -19.30 0.01
C ALA A 214 20.33 -18.66 1.25
N ALA A 215 19.23 -19.25 1.71
CA ALA A 215 18.49 -18.77 2.87
C ALA A 215 18.81 -19.61 4.10
N SER A 216 18.93 -18.95 5.25
CA SER A 216 19.33 -19.66 6.46
C SER A 216 18.96 -18.81 7.67
N TYR A 217 19.01 -19.42 8.84
CA TYR A 217 18.81 -18.68 10.08
C TYR A 217 19.60 -19.37 11.19
N PRO A 218 19.94 -18.64 12.24
CA PRO A 218 20.72 -19.23 13.32
C PRO A 218 19.79 -19.94 14.29
N THR A 219 20.30 -20.99 14.92
CA THR A 219 19.55 -21.68 15.96
C THR A 219 19.99 -21.15 17.31
N VAL A 220 19.04 -20.68 18.11
CA VAL A 220 19.38 -20.03 19.38
C VAL A 220 18.87 -20.86 20.56
N ALA B 1 -20.85 3.14 2.90
CA ALA B 1 -21.49 1.92 2.33
C ALA B 1 -22.86 1.70 3.00
N PRO B 2 -23.79 1.04 2.30
CA PRO B 2 -25.09 0.75 2.92
C PRO B 2 -24.91 -0.07 4.19
N ARG B 3 -25.93 -0.02 5.06
CA ARG B 3 -25.89 -0.77 6.32
C ARG B 3 -26.05 -2.27 6.09
N SER B 4 -26.71 -2.67 5.00
CA SER B 4 -26.81 -4.09 4.66
C SER B 4 -26.84 -4.23 3.14
N VAL B 5 -26.34 -5.37 2.66
CA VAL B 5 -26.21 -5.70 1.25
C VAL B 5 -26.56 -7.17 1.06
N ASP B 6 -27.32 -7.49 0.00
CA ASP B 6 -27.55 -8.89 -0.36
C ASP B 6 -27.68 -8.95 -1.88
N TRP B 7 -26.59 -9.34 -2.55
CA TRP B 7 -26.57 -9.37 -4.01
C TRP B 7 -27.48 -10.43 -4.60
N ARG B 8 -28.00 -11.36 -3.79
CA ARG B 8 -28.97 -12.31 -4.34
C ARG B 8 -30.22 -11.57 -4.81
N GLU B 9 -30.58 -10.50 -4.12
CA GLU B 9 -31.78 -9.76 -4.43
C GLU B 9 -31.63 -8.99 -5.73
N LYS B 10 -30.40 -8.78 -6.16
CA LYS B 10 -30.14 -8.02 -7.38
C LYS B 10 -29.84 -8.88 -8.59
N GLY B 11 -29.88 -10.21 -8.47
CA GLY B 11 -29.69 -11.08 -9.64
C GLY B 11 -28.27 -11.54 -9.90
N TYR B 12 -27.38 -11.39 -8.91
CA TYR B 12 -25.96 -11.61 -9.15
C TYR B 12 -25.52 -13.03 -8.81
N VAL B 13 -26.39 -13.84 -8.21
CA VAL B 13 -25.96 -15.07 -7.55
C VAL B 13 -26.78 -16.26 -8.03
N THR B 14 -26.08 -17.30 -8.47
CA THR B 14 -26.70 -18.56 -8.85
C THR B 14 -27.09 -19.39 -7.61
N PRO B 15 -27.90 -20.44 -7.77
CA PRO B 15 -28.22 -21.31 -6.63
C PRO B 15 -26.98 -21.95 -6.05
N VAL B 16 -27.14 -22.45 -4.82
CA VAL B 16 -26.07 -23.18 -4.17
C VAL B 16 -25.76 -24.46 -4.91
N LYS B 17 -24.46 -24.75 -5.02
CA LYS B 17 -23.89 -25.91 -5.69
C LYS B 17 -23.22 -26.80 -4.66
N ASN B 18 -22.79 -27.97 -5.11
CA ASN B 18 -22.22 -28.98 -4.20
C ASN B 18 -20.97 -29.56 -4.86
N GLN B 19 -19.83 -29.25 -4.26
CA GLN B 19 -18.56 -29.74 -4.77
C GLN B 19 -18.37 -31.22 -4.59
N GLY B 20 -19.19 -31.90 -3.79
CA GLY B 20 -18.99 -33.32 -3.54
C GLY B 20 -17.72 -33.54 -2.71
N GLN B 21 -17.10 -34.69 -2.94
CA GLN B 21 -15.89 -35.10 -2.19
C GLN B 21 -14.62 -34.77 -2.96
N CYS B 22 -14.59 -33.61 -3.57
CA CYS B 22 -13.48 -33.12 -4.36
C CYS B 22 -13.03 -31.83 -3.69
N GLY B 23 -11.73 -31.59 -3.63
CA GLY B 23 -11.21 -30.39 -2.99
C GLY B 23 -11.20 -29.21 -3.93
N SER B 24 -12.38 -28.87 -4.45
CA SER B 24 -12.55 -27.88 -5.52
C SER B 24 -13.30 -26.63 -5.08
N CYS B 25 -13.38 -26.40 -3.76
CA CYS B 25 -14.02 -25.18 -3.23
C CYS B 25 -13.54 -23.93 -3.95
N TRP B 26 -12.23 -23.87 -4.23
CA TRP B 26 -11.64 -22.75 -4.96
C TRP B 26 -12.33 -22.49 -6.29
N ALA B 27 -12.73 -23.55 -6.99
CA ALA B 27 -13.37 -23.36 -8.29
C ALA B 27 -14.79 -22.81 -8.14
N PHE B 28 -15.52 -23.25 -7.11
CA PHE B 28 -16.87 -22.72 -6.85
C PHE B 28 -16.82 -21.27 -6.40
N SER B 29 -15.86 -20.95 -5.55
CA SER B 29 -15.71 -19.56 -5.13
C SER B 29 -15.40 -18.69 -6.34
N ALA B 30 -14.55 -19.19 -7.24
CA ALA B 30 -14.17 -18.41 -8.41
C ALA B 30 -15.33 -18.26 -9.38
N THR B 31 -16.05 -19.35 -9.68
CA THR B 31 -17.18 -19.17 -10.59
C THR B 31 -18.22 -18.26 -9.95
N GLY B 32 -18.41 -18.33 -8.64
CA GLY B 32 -19.34 -17.42 -7.99
C GLY B 32 -18.99 -15.96 -8.23
N ALA B 33 -17.72 -15.62 -8.05
CA ALA B 33 -17.33 -14.23 -8.23
C ALA B 33 -17.41 -13.82 -9.70
N LEU B 34 -17.04 -14.72 -10.60
CA LEU B 34 -17.12 -14.43 -12.03
C LEU B 34 -18.57 -14.34 -12.47
N GLU B 35 -19.46 -15.18 -11.91
CA GLU B 35 -20.89 -15.09 -12.22
C GLU B 35 -21.40 -13.69 -11.91
N GLY B 36 -21.03 -13.17 -10.73
CA GLY B 36 -21.43 -11.83 -10.36
C GLY B 36 -20.90 -10.75 -11.28
N GLN B 37 -19.62 -10.82 -11.59
CA GLN B 37 -19.01 -9.77 -12.42
C GLN B 37 -19.51 -9.83 -13.85
N MET B 38 -19.76 -11.04 -14.36
CA MET B 38 -20.36 -11.09 -15.69
C MET B 38 -21.77 -10.52 -15.66
N PHE B 39 -22.55 -10.81 -14.61
CA PHE B 39 -23.88 -10.22 -14.51
C PHE B 39 -23.80 -8.70 -14.42
N ARG B 40 -22.85 -8.19 -13.64
CA ARG B 40 -22.68 -6.74 -13.53
C ARG B 40 -22.42 -6.11 -14.88
N LYS B 41 -21.65 -6.77 -15.71
CA LYS B 41 -21.22 -6.20 -16.98
C LYS B 41 -22.14 -6.50 -18.14
N THR B 42 -22.91 -7.59 -18.10
CA THR B 42 -23.77 -7.99 -19.22
C THR B 42 -25.24 -8.04 -18.88
N GLY B 43 -25.61 -8.05 -17.61
CA GLY B 43 -26.99 -8.22 -17.21
C GLY B 43 -27.53 -9.63 -17.37
N ARG B 44 -26.67 -10.60 -17.62
CA ARG B 44 -27.10 -11.99 -17.69
C ARG B 44 -26.38 -12.81 -16.63
N LEU B 45 -27.15 -13.60 -15.88
CA LEU B 45 -26.59 -14.53 -14.91
C LEU B 45 -26.51 -15.91 -15.57
N ILE B 46 -25.31 -16.42 -15.77
CA ILE B 46 -25.12 -17.71 -16.42
C ILE B 46 -24.21 -18.53 -15.53
N SER B 47 -24.70 -19.69 -15.10
CA SER B 47 -23.91 -20.54 -14.23
C SER B 47 -22.70 -21.09 -14.99
N LEU B 48 -21.56 -21.04 -14.34
CA LEU B 48 -20.27 -21.30 -14.97
C LEU B 48 -19.69 -22.63 -14.52
N SER B 49 -18.78 -23.16 -15.34
CA SER B 49 -18.32 -24.53 -15.19
C SER B 49 -17.13 -24.61 -14.21
N GLU B 50 -17.38 -25.17 -13.03
CA GLU B 50 -16.26 -25.50 -12.14
C GLU B 50 -15.39 -26.61 -12.72
N GLN B 51 -15.99 -27.55 -13.43
CA GLN B 51 -15.22 -28.65 -14.00
C GLN B 51 -14.18 -28.13 -14.98
N ASN B 52 -14.57 -27.16 -15.81
CA ASN B 52 -13.62 -26.47 -16.70
C ASN B 52 -12.41 -26.03 -15.90
N LEU B 53 -12.62 -25.42 -14.74
CA LEU B 53 -11.49 -24.96 -13.95
C LEU B 53 -10.68 -26.11 -13.38
N VAL B 54 -11.37 -27.15 -12.89
CA VAL B 54 -10.68 -28.29 -12.29
C VAL B 54 -9.79 -28.98 -13.31
N ASP B 55 -10.31 -29.18 -14.53
CA ASP B 55 -9.60 -29.93 -15.56
C ASP B 55 -8.49 -29.12 -16.21
N CYS B 56 -8.66 -27.80 -16.32
CA CYS B 56 -7.89 -27.02 -17.27
C CYS B 56 -6.93 -26.00 -16.67
N SER B 57 -7.07 -25.62 -15.39
CA SER B 57 -6.30 -24.50 -14.86
C SER B 57 -5.05 -24.94 -14.09
N GLY B 58 -4.59 -26.17 -14.31
CA GLY B 58 -3.28 -26.57 -13.80
C GLY B 58 -2.14 -25.67 -14.17
N PRO B 59 -2.10 -25.16 -15.42
CA PRO B 59 -0.95 -24.33 -15.83
C PRO B 59 -0.86 -23.03 -15.06
N GLN B 60 -1.96 -22.59 -14.47
CA GLN B 60 -1.96 -21.39 -13.64
C GLN B 60 -1.67 -21.67 -12.17
N GLY B 61 -1.50 -22.94 -11.78
CA GLY B 61 -1.14 -23.30 -10.42
C GLY B 61 -2.15 -24.15 -9.69
N ASN B 62 -3.32 -24.41 -10.26
CA ASN B 62 -4.31 -25.20 -9.54
C ASN B 62 -4.02 -26.69 -9.64
N GLU B 63 -4.56 -27.45 -8.69
CA GLU B 63 -4.28 -28.88 -8.62
C GLU B 63 -5.59 -29.67 -8.53
N GLY B 64 -6.61 -29.18 -9.21
CA GLY B 64 -7.81 -29.98 -9.42
C GLY B 64 -8.51 -30.26 -8.11
N CYS B 65 -8.75 -31.55 -7.84
CA CYS B 65 -9.40 -31.92 -6.59
C CYS B 65 -8.46 -31.88 -5.40
N ASN B 66 -7.17 -31.65 -5.64
CA ASN B 66 -6.20 -31.56 -4.55
C ASN B 66 -6.03 -30.13 -4.05
N GLY B 67 -6.77 -29.18 -4.59
CA GLY B 67 -6.79 -27.82 -4.09
C GLY B 67 -6.42 -26.81 -5.17
N GLY B 68 -6.57 -25.55 -4.81
CA GLY B 68 -6.32 -24.48 -5.78
C GLY B 68 -6.57 -23.13 -5.14
N LEU B 69 -6.52 -22.09 -5.97
CA LEU B 69 -6.79 -20.75 -5.51
C LEU B 69 -7.68 -20.03 -6.51
N MET B 70 -8.55 -19.16 -5.99
CA MET B 70 -9.43 -18.43 -6.88
C MET B 70 -8.64 -17.54 -7.82
N ASP B 71 -7.56 -16.90 -7.34
CA ASP B 71 -6.81 -16.02 -8.23
C ASP B 71 -6.21 -16.79 -9.41
N TYR B 72 -5.77 -18.04 -9.19
CA TYR B 72 -5.28 -18.86 -10.29
C TYR B 72 -6.40 -19.14 -11.29
N ALA B 73 -7.61 -19.39 -10.80
CA ALA B 73 -8.75 -19.58 -11.69
C ALA B 73 -9.03 -18.32 -12.49
N PHE B 74 -8.95 -17.15 -11.86
CA PHE B 74 -9.19 -15.92 -12.62
C PHE B 74 -8.12 -15.73 -13.68
N GLN B 75 -6.88 -16.13 -13.37
CA GLN B 75 -5.78 -16.02 -14.32
C GLN B 75 -5.98 -16.97 -15.49
N TYR B 76 -6.48 -18.19 -15.22
CA TYR B 76 -6.80 -19.13 -16.29
C TYR B 76 -7.79 -18.51 -17.28
N VAL B 77 -8.87 -17.93 -16.76
CA VAL B 77 -9.89 -17.38 -17.65
C VAL B 77 -9.28 -16.32 -18.56
N GLN B 78 -8.42 -15.46 -18.02
CA GLN B 78 -7.70 -14.48 -18.83
C GLN B 78 -6.83 -15.15 -19.88
N ASP B 79 -5.94 -16.06 -19.44
CA ASP B 79 -5.01 -16.70 -20.35
C ASP B 79 -5.75 -17.46 -21.44
N ASN B 80 -6.83 -18.13 -21.06
CA ASN B 80 -7.57 -19.03 -21.93
C ASN B 80 -8.48 -18.30 -22.89
N GLY B 81 -8.86 -17.06 -22.56
CA GLY B 81 -9.79 -16.34 -23.41
C GLY B 81 -11.24 -16.66 -23.15
N GLY B 82 -11.54 -17.46 -22.13
CA GLY B 82 -12.94 -17.77 -21.84
C GLY B 82 -13.07 -18.87 -20.82
N LEU B 83 -14.34 -19.15 -20.50
CA LEU B 83 -14.75 -20.18 -19.54
C LEU B 83 -16.10 -20.70 -19.98
N ASP B 84 -16.26 -22.03 -20.05
CA ASP B 84 -17.52 -22.60 -20.51
C ASP B 84 -18.60 -22.51 -19.42
N SER B 85 -19.84 -22.54 -19.88
CA SER B 85 -21.00 -22.60 -19.00
C SER B 85 -21.08 -23.95 -18.32
N GLU B 86 -21.75 -23.94 -17.16
CA GLU B 86 -22.04 -25.16 -16.42
C GLU B 86 -22.80 -26.14 -17.29
N GLU B 87 -23.79 -25.63 -18.02
CA GLU B 87 -24.62 -26.50 -18.85
C GLU B 87 -23.78 -27.22 -19.91
N SER B 88 -22.79 -26.52 -20.48
CA SER B 88 -22.01 -27.13 -21.55
C SER B 88 -20.90 -28.05 -21.05
N TYR B 89 -20.50 -27.91 -19.78
CA TYR B 89 -19.29 -28.56 -19.26
C TYR B 89 -19.58 -28.90 -17.81
N PRO B 90 -20.43 -29.89 -17.58
CA PRO B 90 -21.04 -30.05 -16.26
C PRO B 90 -20.06 -30.69 -15.27
N TYR B 91 -20.43 -30.61 -14.00
CA TYR B 91 -19.53 -30.95 -12.92
C TYR B 91 -19.55 -32.44 -12.64
N GLU B 92 -18.35 -33.03 -12.57
CA GLU B 92 -18.20 -34.46 -12.36
C GLU B 92 -17.58 -34.81 -11.00
N ALA B 93 -16.98 -33.84 -10.31
CA ALA B 93 -16.40 -34.05 -8.97
C ALA B 93 -15.21 -35.00 -8.99
N THR B 94 -14.45 -34.96 -10.07
CA THR B 94 -13.23 -35.73 -10.22
C THR B 94 -12.46 -35.05 -11.34
N GLU B 95 -11.12 -35.10 -11.28
CA GLU B 95 -10.34 -34.41 -12.29
C GLU B 95 -10.23 -35.28 -13.55
N GLU B 96 -10.41 -34.65 -14.70
CA GLU B 96 -10.33 -35.30 -16.01
C GLU B 96 -9.52 -34.41 -16.94
N SER B 97 -9.20 -34.93 -18.13
CA SER B 97 -8.53 -34.09 -19.11
C SER B 97 -9.42 -32.91 -19.52
N CYS B 98 -8.77 -31.86 -20.00
N CYS B 98 -8.76 -31.86 -20.01
CA CYS B 98 -9.47 -30.61 -20.32
CA CYS B 98 -9.43 -30.62 -20.38
C CYS B 98 -10.32 -30.78 -21.58
C CYS B 98 -10.34 -30.84 -21.59
N LYS B 99 -11.55 -30.29 -21.50
CA LYS B 99 -12.51 -30.38 -22.61
C LYS B 99 -13.08 -29.01 -22.96
N TYR B 100 -12.33 -27.96 -22.64
CA TYR B 100 -12.76 -26.61 -22.96
C TYR B 100 -13.05 -26.46 -24.44
N ASN B 101 -14.17 -25.82 -24.75
CA ASN B 101 -14.58 -25.54 -26.12
C ASN B 101 -14.91 -24.06 -26.18
N PRO B 102 -14.18 -23.25 -26.93
CA PRO B 102 -14.45 -21.80 -26.95
C PRO B 102 -15.81 -21.45 -27.53
N LYS B 103 -16.43 -22.31 -28.34
CA LYS B 103 -17.79 -22.03 -28.81
C LYS B 103 -18.79 -21.87 -27.67
N TYR B 104 -18.57 -22.52 -26.54
CA TYR B 104 -19.49 -22.48 -25.41
C TYR B 104 -19.00 -21.58 -24.29
N SER B 105 -18.01 -20.75 -24.58
CA SER B 105 -17.56 -19.81 -23.56
C SER B 105 -18.62 -18.75 -23.33
N VAL B 106 -18.83 -18.41 -22.06
CA VAL B 106 -19.80 -17.38 -21.69
C VAL B 106 -19.23 -16.35 -20.75
N ALA B 107 -17.95 -16.44 -20.41
CA ALA B 107 -17.35 -15.52 -19.45
C ALA B 107 -15.91 -15.26 -19.88
N ASN B 108 -15.37 -14.15 -19.37
CA ASN B 108 -14.03 -13.69 -19.68
C ASN B 108 -13.61 -12.77 -18.55
N ASP B 109 -12.30 -12.56 -18.40
CA ASP B 109 -11.84 -11.52 -17.52
C ASP B 109 -10.49 -11.04 -18.01
N ALA B 110 -10.06 -9.93 -17.45
CA ALA B 110 -8.75 -9.34 -17.73
C ALA B 110 -7.96 -9.23 -16.43
N GLY B 111 -7.89 -10.35 -15.71
CA GLY B 111 -7.14 -10.40 -14.47
C GLY B 111 -8.03 -10.38 -13.26
N PHE B 112 -7.46 -9.94 -12.15
CA PHE B 112 -8.17 -10.00 -10.87
C PHE B 112 -7.61 -8.92 -9.95
N VAL B 113 -8.36 -8.68 -8.88
CA VAL B 113 -8.10 -7.66 -7.87
C VAL B 113 -8.00 -8.38 -6.54
N ASP B 114 -6.88 -8.20 -5.85
CA ASP B 114 -6.71 -8.65 -4.46
C ASP B 114 -7.03 -7.47 -3.55
N ILE B 115 -8.03 -7.62 -2.70
CA ILE B 115 -8.46 -6.54 -1.80
C ILE B 115 -7.52 -6.47 -0.61
N PRO B 116 -7.17 -5.28 -0.14
CA PRO B 116 -6.27 -5.18 1.03
C PRO B 116 -6.87 -5.90 2.23
N LYS B 117 -6.00 -6.28 3.17
CA LYS B 117 -6.38 -7.19 4.25
C LYS B 117 -7.04 -6.46 5.43
N GLN B 118 -8.14 -5.79 5.12
CA GLN B 118 -8.95 -5.10 6.12
C GLN B 118 -10.42 -5.42 5.90
N GLU B 119 -11.15 -5.72 6.97
CA GLU B 119 -12.59 -5.93 6.81
C GLU B 119 -13.31 -4.69 6.28
N LYS B 120 -12.82 -3.49 6.58
CA LYS B 120 -13.49 -2.31 6.04
C LYS B 120 -13.33 -2.26 4.52
N ALA B 121 -12.15 -2.64 4.02
CA ALA B 121 -11.92 -2.72 2.58
C ALA B 121 -12.78 -3.79 1.94
N LEU B 122 -12.92 -4.94 2.61
CA LEU B 122 -13.82 -5.98 2.11
C LEU B 122 -15.26 -5.47 2.07
N MET B 123 -15.69 -4.75 3.11
CA MET B 123 -17.05 -4.22 3.09
C MET B 123 -17.27 -3.26 1.93
N LYS B 124 -16.32 -2.36 1.69
CA LYS B 124 -16.44 -1.45 0.55
C LYS B 124 -16.54 -2.20 -0.76
N ALA B 125 -15.72 -3.25 -0.93
CA ALA B 125 -15.77 -4.02 -2.16
C ALA B 125 -17.09 -4.74 -2.32
N VAL B 126 -17.57 -5.38 -1.26
CA VAL B 126 -18.87 -6.05 -1.36
C VAL B 126 -19.95 -5.04 -1.74
N ALA B 127 -19.88 -3.85 -1.15
CA ALA B 127 -20.94 -2.88 -1.39
C ALA B 127 -20.90 -2.32 -2.81
N THR B 128 -19.72 -2.29 -3.43
CA THR B 128 -19.59 -1.57 -4.69
C THR B 128 -19.41 -2.47 -5.90
N VAL B 129 -18.85 -3.66 -5.71
CA VAL B 129 -18.42 -4.55 -6.79
C VAL B 129 -19.42 -5.66 -7.04
N GLY B 130 -19.86 -6.32 -5.99
CA GLY B 130 -20.63 -7.53 -6.11
C GLY B 130 -20.07 -8.61 -5.20
N PRO B 131 -20.47 -9.86 -5.41
CA PRO B 131 -19.93 -10.96 -4.61
C PRO B 131 -18.42 -11.09 -4.76
N ILE B 132 -17.77 -11.43 -3.64
CA ILE B 132 -16.32 -11.43 -3.53
C ILE B 132 -15.86 -12.83 -3.11
N SER B 133 -14.84 -13.36 -3.79
CA SER B 133 -14.20 -14.61 -3.38
C SER B 133 -13.39 -14.38 -2.11
N VAL B 134 -13.55 -15.24 -1.10
CA VAL B 134 -12.75 -15.16 0.12
C VAL B 134 -12.27 -16.55 0.52
N ALA B 135 -11.18 -16.56 1.29
CA ALA B 135 -10.66 -17.78 1.90
C ALA B 135 -10.93 -17.70 3.40
N ILE B 136 -11.39 -18.79 4.00
CA ILE B 136 -11.67 -18.78 5.44
C ILE B 136 -11.05 -20.02 6.07
N ASP B 137 -10.81 -19.94 7.37
CA ASP B 137 -10.47 -21.11 8.18
C ASP B 137 -11.78 -21.82 8.48
N ALA B 138 -12.06 -22.89 7.74
CA ALA B 138 -13.23 -23.73 7.95
C ALA B 138 -12.88 -25.08 8.57
N GLY B 139 -11.66 -25.23 9.08
CA GLY B 139 -11.21 -26.51 9.59
C GLY B 139 -11.59 -26.79 11.02
N HIS B 140 -12.86 -26.59 11.35
CA HIS B 140 -13.38 -26.85 12.67
C HIS B 140 -14.73 -27.55 12.53
N GLU B 141 -14.98 -28.53 13.39
CA GLU B 141 -16.25 -29.24 13.24
C GLU B 141 -17.44 -28.32 13.49
N SER B 142 -17.27 -27.22 14.25
CA SER B 142 -18.37 -26.27 14.38
C SER B 142 -18.79 -25.67 13.04
N PHE B 143 -17.85 -25.55 12.10
CA PHE B 143 -18.23 -25.11 10.76
C PHE B 143 -18.91 -26.24 10.00
N LEU B 144 -18.38 -27.47 10.10
CA LEU B 144 -19.01 -28.61 9.44
C LEU B 144 -20.46 -28.77 9.87
N PHE B 145 -20.71 -28.56 11.16
CA PHE B 145 -22.01 -28.81 11.75
C PHE B 145 -22.89 -27.58 11.79
N TYR B 146 -22.47 -26.48 11.18
CA TYR B 146 -23.24 -25.24 11.25
C TYR B 146 -24.61 -25.35 10.60
N LYS B 147 -25.59 -24.78 11.25
CA LYS B 147 -26.99 -24.87 10.80
C LYS B 147 -27.66 -23.53 10.70
N GLU B 148 -27.42 -22.64 11.66
CA GLU B 148 -28.10 -21.35 11.70
C GLU B 148 -27.31 -20.46 12.66
N GLY B 149 -27.56 -19.16 12.57
CA GLY B 149 -26.96 -18.22 13.49
C GLY B 149 -25.73 -17.53 12.91
N ILE B 150 -25.15 -16.66 13.72
CA ILE B 150 -23.91 -15.98 13.34
C ILE B 150 -22.76 -16.85 13.80
N TYR B 151 -21.97 -17.33 12.84
CA TYR B 151 -20.90 -18.28 13.13
C TYR B 151 -19.74 -17.58 13.79
N PHE B 152 -19.32 -18.10 14.95
CA PHE B 152 -18.13 -17.62 15.64
C PHE B 152 -17.48 -18.82 16.29
N GLU B 153 -16.22 -19.06 15.93
CA GLU B 153 -15.43 -20.19 16.44
C GLU B 153 -14.23 -19.61 17.18
N PRO B 154 -14.15 -19.76 18.50
CA PRO B 154 -13.02 -19.15 19.24
C PRO B 154 -11.64 -19.64 18.81
N ASP B 155 -11.53 -20.83 18.22
CA ASP B 155 -10.24 -21.34 17.78
C ASP B 155 -9.93 -21.00 16.33
N CYS B 156 -10.74 -20.14 15.69
CA CYS B 156 -10.55 -19.83 14.28
C CYS B 156 -9.27 -19.03 14.09
N SER B 157 -8.55 -19.30 13.00
CA SER B 157 -7.36 -18.55 12.66
C SER B 157 -7.73 -17.42 11.71
N SER B 158 -7.13 -16.26 11.92
CA SER B 158 -7.30 -15.15 10.97
C SER B 158 -6.23 -15.15 9.89
N GLU B 159 -5.23 -16.05 9.99
CA GLU B 159 -4.09 -16.11 9.09
C GLU B 159 -4.04 -17.35 8.23
N ASP B 160 -4.49 -18.51 8.75
CA ASP B 160 -4.33 -19.80 8.07
C ASP B 160 -5.70 -20.30 7.62
N MET B 161 -6.03 -20.08 6.34
CA MET B 161 -7.32 -20.41 5.77
C MET B 161 -7.17 -21.68 4.92
N ASP B 162 -8.27 -22.44 4.79
CA ASP B 162 -8.24 -23.72 4.08
C ASP B 162 -9.43 -23.94 3.16
N HIS B 163 -10.30 -22.95 3.01
CA HIS B 163 -11.56 -23.15 2.30
C HIS B 163 -11.95 -21.87 1.59
N GLY B 164 -12.30 -21.98 0.32
CA GLY B 164 -12.76 -20.84 -0.46
C GLY B 164 -14.26 -20.80 -0.54
N VAL B 165 -14.82 -19.61 -0.30
CA VAL B 165 -16.26 -19.38 -0.34
C VAL B 165 -16.53 -18.03 -0.98
N LEU B 166 -17.78 -17.55 -0.89
CA LEU B 166 -18.19 -16.36 -1.64
C LEU B 166 -19.01 -15.45 -0.74
N VAL B 167 -18.54 -14.23 -0.53
CA VAL B 167 -19.31 -13.25 0.25
C VAL B 167 -20.31 -12.60 -0.69
N VAL B 168 -21.59 -12.74 -0.39
CA VAL B 168 -22.63 -12.16 -1.23
C VAL B 168 -23.30 -10.97 -0.58
N GLY B 169 -22.93 -10.63 0.65
CA GLY B 169 -23.47 -9.45 1.28
C GLY B 169 -23.04 -9.41 2.73
N TYR B 170 -23.72 -8.55 3.48
CA TYR B 170 -23.49 -8.40 4.92
C TYR B 170 -24.68 -7.73 5.56
N GLY B 171 -24.77 -7.85 6.88
CA GLY B 171 -25.90 -7.32 7.61
C GLY B 171 -25.61 -7.15 9.07
N PHE B 172 -26.69 -6.90 9.82
CA PHE B 172 -26.58 -6.55 11.21
C PHE B 172 -27.64 -7.26 12.03
N GLU B 173 -27.42 -7.27 13.34
CA GLU B 173 -28.41 -7.81 14.27
C GLU B 173 -29.59 -6.84 14.39
N SER B 174 -29.32 -5.55 14.57
CA SER B 174 -30.36 -4.52 14.48
C SER B 174 -29.80 -3.16 14.05
N ASN B 179 -23.67 -4.69 17.51
CA ASN B 179 -23.23 -6.06 17.79
C ASN B 179 -23.69 -7.09 16.76
N ASN B 180 -22.95 -8.19 16.69
CA ASN B 180 -23.34 -9.34 15.87
C ASN B 180 -23.69 -8.90 14.45
N LYS B 181 -22.80 -8.11 13.87
CA LYS B 181 -22.80 -7.94 12.43
C LYS B 181 -22.31 -9.24 11.77
N TYR B 182 -22.62 -9.41 10.49
CA TYR B 182 -22.24 -10.63 9.82
C TYR B 182 -21.98 -10.42 8.33
N TRP B 183 -21.14 -11.31 7.80
CA TRP B 183 -20.97 -11.50 6.38
C TRP B 183 -21.94 -12.60 5.93
N LEU B 184 -22.58 -12.40 4.80
CA LEU B 184 -23.45 -13.41 4.21
C LEU B 184 -22.66 -14.22 3.20
N VAL B 185 -22.49 -15.50 3.46
CA VAL B 185 -21.50 -16.30 2.74
C VAL B 185 -22.16 -17.50 2.09
N LYS B 186 -21.92 -17.65 0.80
CA LYS B 186 -22.36 -18.80 0.03
C LYS B 186 -21.27 -19.86 0.05
N ASN B 187 -21.63 -21.06 0.46
CA ASN B 187 -20.72 -22.21 0.47
C ASN B 187 -21.08 -23.10 -0.69
N SER B 188 -20.26 -24.13 -0.90
CA SER B 188 -20.42 -25.06 -2.00
C SER B 188 -20.56 -26.50 -1.51
N TRP B 189 -21.29 -26.68 -0.43
CA TRP B 189 -21.52 -28.00 0.17
C TRP B 189 -22.97 -28.42 0.06
N GLY B 190 -23.69 -27.86 -0.90
CA GLY B 190 -25.08 -28.17 -1.09
C GLY B 190 -26.00 -27.38 -0.19
N GLU B 191 -27.29 -27.53 -0.49
CA GLU B 191 -28.36 -26.80 0.16
C GLU B 191 -28.65 -27.27 1.56
N GLU B 192 -28.33 -28.52 1.87
CA GLU B 192 -28.62 -29.12 3.16
C GLU B 192 -27.68 -28.65 4.25
N TRP B 193 -26.50 -28.19 3.89
CA TRP B 193 -25.58 -27.64 4.87
C TRP B 193 -26.00 -26.21 5.21
N GLY B 194 -25.84 -25.87 6.48
CA GLY B 194 -26.08 -24.51 6.92
C GLY B 194 -27.50 -24.06 6.64
N MET B 195 -27.61 -22.78 6.29
CA MET B 195 -28.89 -22.09 6.08
C MET B 195 -29.15 -22.09 4.57
N GLY B 196 -29.75 -23.18 4.11
CA GLY B 196 -29.88 -23.35 2.66
C GLY B 196 -28.57 -23.27 1.92
N GLY B 197 -27.46 -23.65 2.55
CA GLY B 197 -26.16 -23.63 1.91
C GLY B 197 -25.36 -22.39 2.21
N TYR B 198 -25.91 -21.46 2.99
CA TYR B 198 -25.30 -20.21 3.38
C TYR B 198 -24.92 -20.22 4.85
N VAL B 199 -24.02 -19.32 5.21
CA VAL B 199 -23.59 -19.15 6.59
C VAL B 199 -23.42 -17.66 6.83
N LYS B 200 -23.86 -17.21 8.00
CA LYS B 200 -23.59 -15.85 8.46
C LYS B 200 -22.35 -15.88 9.34
N MET B 201 -21.25 -15.31 8.86
N MET B 201 -21.24 -15.31 8.84
CA MET B 201 -20.00 -15.33 9.61
CA MET B 201 -19.97 -15.30 9.54
C MET B 201 -19.74 -13.99 10.26
C MET B 201 -19.78 -13.97 10.27
N ALA B 202 -19.29 -14.04 11.51
CA ALA B 202 -19.04 -12.85 12.31
C ALA B 202 -18.22 -11.83 11.54
N LYS B 203 -18.72 -10.60 11.53
CA LYS B 203 -18.16 -9.46 10.82
C LYS B 203 -17.64 -8.45 11.83
N ASP B 204 -16.48 -7.87 11.54
CA ASP B 204 -15.87 -6.83 12.34
C ASP B 204 -15.52 -7.33 13.73
N ARG B 205 -15.21 -8.61 13.83
CA ARG B 205 -14.68 -9.20 15.05
C ARG B 205 -13.26 -9.69 14.78
N ARG B 206 -12.33 -8.74 14.62
CA ARG B 206 -10.91 -9.07 14.45
C ARG B 206 -10.67 -10.01 13.25
N ASN B 207 -11.34 -9.74 12.13
CA ASN B 207 -11.14 -10.51 10.90
C ASN B 207 -11.32 -12.00 11.16
N HIS B 208 -12.49 -12.33 11.65
CA HIS B 208 -12.74 -13.67 12.16
C HIS B 208 -12.63 -14.70 11.04
N CYS B 209 -11.88 -15.76 11.32
CA CYS B 209 -11.63 -16.87 10.40
C CYS B 209 -10.92 -16.42 9.13
N GLY B 210 -10.30 -15.23 9.15
CA GLY B 210 -9.47 -14.80 8.04
C GLY B 210 -10.24 -14.32 6.83
N ILE B 211 -11.51 -13.98 7.00
CA ILE B 211 -12.37 -13.74 5.84
C ILE B 211 -11.85 -12.60 4.96
N ALA B 212 -11.16 -11.62 5.54
CA ALA B 212 -10.60 -10.51 4.79
C ALA B 212 -9.13 -10.68 4.45
N SER B 213 -8.55 -11.84 4.75
CA SER B 213 -7.12 -12.02 4.54
C SER B 213 -6.72 -12.35 3.12
N ALA B 214 -7.63 -12.91 2.31
CA ALA B 214 -7.31 -13.34 0.96
C ALA B 214 -8.55 -13.18 0.08
N ALA B 215 -9.09 -11.97 0.04
CA ALA B 215 -10.32 -11.68 -0.72
C ALA B 215 -9.96 -11.14 -2.10
N SER B 216 -10.71 -11.56 -3.12
CA SER B 216 -10.41 -11.12 -4.48
C SER B 216 -11.64 -11.25 -5.36
N TYR B 217 -11.54 -10.67 -6.55
CA TYR B 217 -12.59 -10.82 -7.55
C TYR B 217 -11.98 -10.58 -8.93
N PRO B 218 -12.62 -11.07 -9.98
CA PRO B 218 -12.04 -10.90 -11.32
C PRO B 218 -12.36 -9.54 -11.90
N THR B 219 -11.42 -9.07 -12.72
CA THR B 219 -11.56 -7.84 -13.48
C THR B 219 -12.37 -8.10 -14.73
N VAL B 220 -13.56 -7.51 -14.81
CA VAL B 220 -14.42 -7.75 -15.95
C VAL B 220 -14.87 -6.38 -16.46
N PRO C 2 22.06 16.02 23.74
CA PRO C 2 22.79 15.37 22.64
C PRO C 2 22.46 15.96 21.28
N ARG C 3 23.37 15.81 20.32
CA ARG C 3 23.23 16.52 19.06
C ARG C 3 22.26 15.84 18.11
N SER C 4 22.06 14.54 18.22
CA SER C 4 20.99 13.87 17.51
C SER C 4 20.41 12.76 18.38
N VAL C 5 19.13 12.46 18.13
CA VAL C 5 18.40 11.48 18.92
C VAL C 5 17.49 10.72 17.98
N ASP C 6 17.34 9.41 18.18
CA ASP C 6 16.38 8.60 17.41
C ASP C 6 15.87 7.48 18.31
N TRP C 7 14.68 7.66 18.88
CA TRP C 7 14.20 6.67 19.84
C TRP C 7 13.85 5.32 19.20
N ARG C 8 13.73 5.26 17.89
CA ARG C 8 13.51 3.97 17.23
C ARG C 8 14.65 3.01 17.54
N GLU C 9 15.87 3.52 17.64
CA GLU C 9 17.03 2.65 17.84
C GLU C 9 17.06 2.06 19.23
N LYS C 10 16.24 2.55 20.15
CA LYS C 10 16.21 2.08 21.53
C LYS C 10 14.95 1.28 21.85
N GLY C 11 14.09 1.02 20.87
CA GLY C 11 12.95 0.15 21.07
C GLY C 11 11.67 0.81 21.49
N TYR C 12 11.58 2.13 21.39
CA TYR C 12 10.45 2.88 21.92
C TYR C 12 9.28 3.01 20.95
N VAL C 13 9.44 2.58 19.70
CA VAL C 13 8.57 3.02 18.62
C VAL C 13 8.07 1.81 17.83
N THR C 14 6.76 1.69 17.71
CA THR C 14 6.13 0.66 16.92
C THR C 14 6.22 1.02 15.45
N PRO C 15 5.92 0.07 14.56
CA PRO C 15 5.90 0.39 13.13
C PRO C 15 4.87 1.45 12.80
N VAL C 16 5.04 2.05 11.62
CA VAL C 16 4.12 3.06 11.13
C VAL C 16 2.75 2.44 10.86
N LYS C 17 1.71 3.17 11.24
CA LYS C 17 0.32 2.75 11.10
C LYS C 17 -0.35 3.64 10.08
N ASN C 18 -1.60 3.33 9.76
CA ASN C 18 -2.34 4.10 8.76
C ASN C 18 -3.72 4.38 9.30
N GLN C 19 -4.03 5.65 9.54
CA GLN C 19 -5.33 6.04 10.05
C GLN C 19 -6.44 5.95 9.02
N GLY C 20 -6.12 5.72 7.74
CA GLY C 20 -7.15 5.70 6.72
C GLY C 20 -7.79 7.06 6.51
N GLN C 21 -9.07 7.03 6.15
CA GLN C 21 -9.81 8.26 5.86
C GLN C 21 -10.56 8.83 7.07
N CYS C 22 -10.08 8.57 8.26
CA CYS C 22 -10.70 8.98 9.51
C CYS C 22 -9.79 10.03 10.14
N GLY C 23 -10.38 11.15 10.58
CA GLY C 23 -9.61 12.21 11.21
C GLY C 23 -9.22 11.85 12.65
N SER C 24 -8.46 10.76 12.76
CA SER C 24 -8.07 10.18 14.03
C SER C 24 -6.59 10.35 14.31
N CYS C 25 -5.91 11.28 13.62
CA CYS C 25 -4.48 11.46 13.82
C CYS C 25 -4.13 11.64 15.29
N TRP C 26 -4.99 12.36 16.01
CA TRP C 26 -4.77 12.63 17.43
C TRP C 26 -4.63 11.34 18.21
N ALA C 27 -5.35 10.29 17.80
CA ALA C 27 -5.31 9.01 18.50
C ALA C 27 -4.02 8.25 18.20
N PHE C 28 -3.50 8.36 16.97
CA PHE C 28 -2.23 7.72 16.66
C PHE C 28 -1.07 8.45 17.32
N SER C 29 -1.12 9.77 17.37
CA SER C 29 -0.09 10.51 18.10
C SER C 29 -0.09 10.11 19.57
N ALA C 30 -1.28 9.98 20.16
CA ALA C 30 -1.38 9.64 21.58
C ALA C 30 -0.89 8.22 21.85
N THR C 31 -1.33 7.25 21.05
CA THR C 31 -0.82 5.90 21.27
C THR C 31 0.69 5.84 21.07
N GLY C 32 1.22 6.58 20.08
CA GLY C 32 2.67 6.61 19.88
C GLY C 32 3.39 7.09 21.13
N ALA C 33 2.92 8.18 21.73
CA ALA C 33 3.58 8.70 22.90
C ALA C 33 3.40 7.77 24.09
N LEU C 34 2.21 7.18 24.22
CA LEU C 34 1.99 6.25 25.33
C LEU C 34 2.77 4.95 25.12
N GLU C 35 2.90 4.49 23.86
CA GLU C 35 3.76 3.32 23.59
C GLU C 35 5.20 3.55 24.07
N GLY C 36 5.74 4.74 23.79
CA GLY C 36 7.11 5.04 24.21
C GLY C 36 7.25 5.12 25.72
N GLN C 37 6.32 5.80 26.40
CA GLN C 37 6.42 5.92 27.85
C GLN C 37 6.17 4.60 28.55
N MET C 38 5.26 3.77 28.01
CA MET C 38 5.08 2.43 28.59
C MET C 38 6.35 1.58 28.40
N PHE C 39 7.00 1.68 27.24
CA PHE C 39 8.25 0.97 27.05
C PHE C 39 9.32 1.48 28.02
N ARG C 40 9.37 2.79 28.23
CA ARG C 40 10.34 3.36 29.15
C ARG C 40 10.10 2.85 30.57
N LYS C 41 8.83 2.70 30.96
N LYS C 41 8.84 2.67 30.95
CA LYS C 41 8.51 2.24 32.30
CA LYS C 41 8.52 2.25 32.31
C LYS C 41 8.76 0.74 32.46
C LYS C 41 8.67 0.74 32.49
N THR C 42 8.34 -0.05 31.45
CA THR C 42 8.29 -1.50 31.60
C THR C 42 9.27 -2.30 30.74
N GLY C 43 9.83 -1.72 29.69
CA GLY C 43 10.68 -2.51 28.82
C GLY C 43 9.92 -3.34 27.81
N ARG C 44 8.61 -3.21 27.75
CA ARG C 44 7.78 -3.90 26.77
C ARG C 44 7.21 -2.87 25.80
N LEU C 45 7.39 -3.13 24.51
CA LEU C 45 6.75 -2.34 23.47
C LEU C 45 5.51 -3.08 23.01
N ILE C 46 4.34 -2.51 23.26
CA ILE C 46 3.07 -3.12 22.90
C ILE C 46 2.26 -2.08 22.12
N SER C 47 1.91 -2.42 20.88
CA SER C 47 1.08 -1.52 20.09
C SER C 47 -0.29 -1.35 20.76
N LEU C 48 -0.74 -0.11 20.84
CA LEU C 48 -1.95 0.28 21.57
C LEU C 48 -3.11 0.63 20.63
N SER C 49 -4.32 0.57 21.18
CA SER C 49 -5.54 0.65 20.37
C SER C 49 -5.95 2.09 20.12
N GLU C 50 -5.76 2.57 18.88
CA GLU C 50 -6.36 3.86 18.50
C GLU C 50 -7.87 3.78 18.51
N GLN C 51 -8.44 2.63 18.14
CA GLN C 51 -9.89 2.51 18.08
C GLN C 51 -10.50 2.71 19.46
N ASN C 52 -9.85 2.18 20.50
CA ASN C 52 -10.28 2.39 21.88
C ASN C 52 -10.44 3.88 22.16
N LEU C 53 -9.47 4.68 21.72
CA LEU C 53 -9.56 6.12 21.94
C LEU C 53 -10.67 6.75 21.12
N VAL C 54 -10.79 6.37 19.84
CA VAL C 54 -11.81 6.93 18.95
C VAL C 54 -13.19 6.66 19.51
N ASP C 55 -13.43 5.42 19.93
CA ASP C 55 -14.75 5.03 20.38
C ASP C 55 -15.09 5.56 21.77
N CYS C 56 -14.11 5.78 22.66
CA CYS C 56 -14.41 5.89 24.07
C CYS C 56 -14.06 7.21 24.74
N SER C 57 -13.28 8.10 24.11
CA SER C 57 -12.80 9.29 24.78
C SER C 57 -13.62 10.53 24.47
N GLY C 58 -14.83 10.35 23.96
CA GLY C 58 -15.76 11.45 23.83
C GLY C 58 -15.95 12.26 25.10
N PRO C 59 -16.13 11.60 26.25
CA PRO C 59 -16.38 12.38 27.48
C PRO C 59 -15.24 13.31 27.84
N GLN C 60 -14.04 13.02 27.35
CA GLN C 60 -12.89 13.88 27.64
C GLN C 60 -12.75 15.01 26.63
N GLY C 61 -13.60 15.05 25.61
CA GLY C 61 -13.59 16.13 24.62
C GLY C 61 -13.25 15.69 23.22
N ASN C 62 -12.88 14.45 22.99
CA ASN C 62 -12.57 14.04 21.62
C ASN C 62 -13.82 13.75 20.83
N GLU C 63 -13.69 13.84 19.51
CA GLU C 63 -14.81 13.72 18.59
C GLU C 63 -14.53 12.68 17.51
N GLY C 64 -13.87 11.58 17.89
CA GLY C 64 -13.73 10.46 16.97
C GLY C 64 -13.03 10.84 15.69
N CYS C 65 -13.64 10.48 14.55
CA CYS C 65 -13.06 10.79 13.26
C CYS C 65 -13.21 12.25 12.88
N ASN C 66 -13.95 13.04 13.64
CA ASN C 66 -14.07 14.48 13.40
C ASN C 66 -13.06 15.30 14.20
N GLY C 67 -12.07 14.67 14.82
CA GLY C 67 -10.97 15.37 15.43
C GLY C 67 -10.91 15.16 16.93
N GLY C 68 -9.81 15.64 17.49
CA GLY C 68 -9.55 15.47 18.91
C GLY C 68 -8.17 15.99 19.27
N LEU C 69 -7.77 15.68 20.49
CA LEU C 69 -6.50 16.17 21.01
C LEU C 69 -5.81 15.07 21.79
N MET C 70 -4.48 15.01 21.65
CA MET C 70 -3.71 14.00 22.36
C MET C 70 -3.91 14.12 23.86
N ASP C 71 -3.95 15.35 24.40
CA ASP C 71 -4.12 15.52 25.83
C ASP C 71 -5.44 14.93 26.32
N TYR C 72 -6.51 15.10 25.54
CA TYR C 72 -7.80 14.51 25.88
C TYR C 72 -7.71 12.98 25.90
N ALA C 73 -6.95 12.41 24.97
CA ALA C 73 -6.73 10.97 24.97
C ALA C 73 -5.95 10.53 26.22
N PHE C 74 -4.89 11.27 26.56
CA PHE C 74 -4.16 10.91 27.78
C PHE C 74 -5.07 10.99 28.99
N GLN C 75 -6.00 11.96 29.00
CA GLN C 75 -6.90 12.13 30.12
C GLN C 75 -7.88 10.95 30.19
N TYR C 76 -8.30 10.43 29.04
CA TYR C 76 -9.18 9.29 29.01
C TYR C 76 -8.50 8.07 29.64
N VAL C 77 -7.28 7.79 29.25
CA VAL C 77 -6.59 6.63 29.80
C VAL C 77 -6.50 6.71 31.32
N GLN C 78 -6.22 7.91 31.85
CA GLN C 78 -6.19 8.12 33.29
C GLN C 78 -7.57 7.90 33.90
N ASP C 79 -8.59 8.55 33.35
CA ASP C 79 -9.93 8.43 33.87
C ASP C 79 -10.42 6.97 33.80
N ASN C 80 -10.07 6.29 32.72
CA ASN C 80 -10.61 4.97 32.41
C ASN C 80 -9.87 3.87 33.14
N GLY C 81 -8.67 4.16 33.61
CA GLY C 81 -7.85 3.18 34.25
C GLY C 81 -7.20 2.19 33.33
N GLY C 82 -7.11 2.50 32.04
CA GLY C 82 -6.45 1.57 31.15
C GLY C 82 -6.74 1.88 29.71
N LEU C 83 -6.07 1.12 28.84
CA LEU C 83 -6.23 1.20 27.40
C LEU C 83 -5.91 -0.17 26.82
N ASP C 84 -6.76 -0.65 25.92
CA ASP C 84 -6.53 -1.96 25.33
C ASP C 84 -5.41 -1.95 24.28
N SER C 85 -4.89 -3.13 24.02
CA SER C 85 -3.87 -3.29 23.00
C SER C 85 -4.48 -3.19 21.62
N GLU C 86 -3.62 -2.85 20.65
CA GLU C 86 -4.03 -2.85 19.25
C GLU C 86 -4.55 -4.22 18.86
N GLU C 87 -3.89 -5.28 19.34
CA GLU C 87 -4.25 -6.63 18.93
C GLU C 87 -5.64 -7.00 19.45
N SER C 88 -5.98 -6.57 20.66
CA SER C 88 -7.28 -6.91 21.25
C SER C 88 -8.41 -6.05 20.70
N TYR C 89 -8.10 -4.85 20.20
CA TYR C 89 -9.12 -3.85 19.86
C TYR C 89 -8.61 -3.11 18.62
N PRO C 90 -8.63 -3.81 17.48
CA PRO C 90 -7.96 -3.30 16.27
C PRO C 90 -8.72 -2.17 15.62
N TYR C 91 -8.01 -1.50 14.72
CA TYR C 91 -8.46 -0.23 14.16
C TYR C 91 -9.46 -0.47 13.03
N GLU C 92 -10.61 0.19 13.14
CA GLU C 92 -11.68 0.09 12.15
C GLU C 92 -11.82 1.34 11.28
N ALA C 93 -11.12 2.42 11.61
CA ALA C 93 -11.20 3.67 10.86
C ALA C 93 -12.63 4.23 10.78
N THR C 94 -13.45 4.00 11.78
CA THR C 94 -14.78 4.60 11.84
C THR C 94 -15.19 4.52 13.29
N GLU C 95 -15.94 5.52 13.75
CA GLU C 95 -16.27 5.62 15.16
C GLU C 95 -17.46 4.72 15.50
N GLU C 96 -17.36 3.97 16.59
CA GLU C 96 -18.39 3.04 17.01
C GLU C 96 -18.54 3.14 18.52
N SER C 97 -19.50 2.40 19.08
CA SER C 97 -19.65 2.39 20.52
C SER C 97 -18.41 1.80 21.20
N CYS C 98 -18.22 2.16 22.47
N CYS C 98 -18.24 2.16 22.48
CA CYS C 98 -17.03 1.76 23.21
CA CYS C 98 -17.10 1.74 23.27
C CYS C 98 -17.07 0.27 23.52
C CYS C 98 -17.10 0.23 23.49
N LYS C 99 -15.98 -0.42 23.19
CA LYS C 99 -15.85 -1.85 23.45
C LYS C 99 -14.68 -2.14 24.39
N TYR C 100 -14.26 -1.17 25.17
CA TYR C 100 -13.17 -1.37 26.10
C TYR C 100 -13.41 -2.55 27.02
N ASN C 101 -12.38 -3.37 27.18
CA ASN C 101 -12.41 -4.48 28.10
C ASN C 101 -11.21 -4.34 29.03
N PRO C 102 -11.43 -4.14 30.34
CA PRO C 102 -10.29 -3.96 31.23
C PRO C 102 -9.40 -5.17 31.30
N LYS C 103 -9.89 -6.34 30.93
CA LYS C 103 -9.03 -7.52 30.99
C LYS C 103 -7.94 -7.47 29.94
N TYR C 104 -8.08 -6.65 28.89
CA TYR C 104 -7.04 -6.55 27.87
C TYR C 104 -6.31 -5.22 27.91
N SER C 105 -6.41 -4.48 29.00
CA SER C 105 -5.64 -3.25 29.14
C SER C 105 -4.16 -3.58 29.27
N VAL C 106 -3.33 -2.83 28.57
CA VAL C 106 -1.89 -3.06 28.62
C VAL C 106 -1.16 -1.75 28.90
N ALA C 107 -1.89 -0.69 29.18
CA ALA C 107 -1.27 0.61 29.41
C ALA C 107 -2.12 1.41 30.38
N ASN C 108 -1.45 2.36 31.05
CA ASN C 108 -2.08 3.28 31.99
C ASN C 108 -1.32 4.59 31.94
N ASP C 109 -1.93 5.65 32.46
CA ASP C 109 -1.16 6.85 32.76
C ASP C 109 -1.79 7.59 33.92
N ALA C 110 -1.02 8.51 34.45
CA ALA C 110 -1.39 9.25 35.65
C ALA C 110 -1.50 10.73 35.33
N GLY C 111 -1.86 11.04 34.10
CA GLY C 111 -1.93 12.41 33.65
C GLY C 111 -1.01 12.63 32.47
N PHE C 112 -0.73 13.90 32.20
CA PHE C 112 0.10 14.24 31.05
C PHE C 112 0.85 15.52 31.38
N VAL C 113 1.87 15.79 30.57
CA VAL C 113 2.72 16.95 30.72
C VAL C 113 2.71 17.71 29.41
N ASP C 114 2.35 18.98 29.46
CA ASP C 114 2.44 19.87 28.31
C ASP C 114 3.79 20.61 28.33
N ILE C 115 4.43 20.67 27.17
CA ILE C 115 5.77 21.24 27.05
C ILE C 115 5.66 22.73 26.73
N PRO C 116 6.49 23.59 27.31
CA PRO C 116 6.47 25.02 26.94
C PRO C 116 6.60 25.17 25.44
N LYS C 117 6.08 26.30 24.94
CA LYS C 117 5.95 26.49 23.49
C LYS C 117 7.21 27.09 22.88
N GLN C 118 8.33 26.36 23.03
CA GLN C 118 9.60 26.77 22.46
C GLN C 118 10.31 25.53 21.93
N GLU C 119 11.02 25.66 20.80
CA GLU C 119 11.67 24.49 20.24
C GLU C 119 12.81 24.00 21.14
N LYS C 120 13.43 24.89 21.92
CA LYS C 120 14.46 24.44 22.84
C LYS C 120 13.90 23.54 23.94
N ALA C 121 12.69 23.84 24.42
CA ALA C 121 12.06 22.99 25.42
C ALA C 121 11.63 21.65 24.81
N LEU C 122 11.16 21.69 23.56
CA LEU C 122 10.81 20.44 22.90
C LEU C 122 12.04 19.58 22.73
N MET C 123 13.16 20.17 22.34
CA MET C 123 14.38 19.39 22.18
C MET C 123 14.78 18.76 23.50
N LYS C 124 14.65 19.51 24.59
CA LYS C 124 14.97 18.97 25.91
C LYS C 124 14.06 17.80 26.25
N ALA C 125 12.76 17.94 25.97
CA ALA C 125 11.81 16.85 26.19
C ALA C 125 12.16 15.63 25.35
N VAL C 126 12.39 15.83 24.05
CA VAL C 126 12.67 14.68 23.20
C VAL C 126 13.93 13.98 23.71
N ALA C 127 14.94 14.77 24.08
CA ALA C 127 16.20 14.17 24.46
C ALA C 127 16.10 13.34 25.72
N THR C 128 15.21 13.71 26.66
CA THR C 128 15.21 13.09 27.99
C THR C 128 13.98 12.26 28.31
N VAL C 129 12.88 12.40 27.58
CA VAL C 129 11.63 11.73 27.90
C VAL C 129 11.37 10.54 26.97
N GLY C 130 11.45 10.78 25.67
CA GLY C 130 11.05 9.81 24.69
C GLY C 130 10.24 10.51 23.62
N PRO C 131 9.57 9.73 22.78
CA PRO C 131 8.73 10.34 21.73
C PRO C 131 7.67 11.26 22.31
N ILE C 132 7.42 12.35 21.61
CA ILE C 132 6.57 13.44 22.09
C ILE C 132 5.46 13.68 21.09
N SER C 133 4.22 13.75 21.59
CA SER C 133 3.06 14.10 20.78
C SER C 133 3.11 15.58 20.42
N VAL C 134 2.90 15.91 19.14
CA VAL C 134 2.93 17.30 18.69
C VAL C 134 1.84 17.51 17.67
N ALA C 135 1.36 18.74 17.57
CA ALA C 135 0.46 19.16 16.51
C ALA C 135 1.22 20.03 15.53
N ILE C 136 0.93 19.85 14.23
CA ILE C 136 1.57 20.62 13.17
C ILE C 136 0.52 21.10 12.18
N ASP C 137 0.88 22.14 11.42
CA ASP C 137 0.11 22.58 10.27
C ASP C 137 0.49 21.70 9.09
N ALA C 138 -0.35 20.71 8.77
CA ALA C 138 -0.10 19.82 7.66
C ALA C 138 -1.01 20.11 6.46
N GLY C 139 -1.72 21.23 6.48
CA GLY C 139 -2.73 21.50 5.48
C GLY C 139 -2.19 22.13 4.21
N HIS C 140 -1.14 21.53 3.67
CA HIS C 140 -0.53 22.00 2.43
C HIS C 140 -0.20 20.82 1.55
N GLU C 141 -0.37 20.98 0.25
CA GLU C 141 -0.17 19.83 -0.62
C GLU C 141 1.27 19.35 -0.56
N SER C 142 2.21 20.25 -0.26
CA SER C 142 3.61 19.86 -0.17
C SER C 142 3.81 18.81 0.91
N PHE C 143 3.02 18.85 1.97
CA PHE C 143 3.10 17.82 3.00
C PHE C 143 2.50 16.52 2.49
N LEU C 144 1.39 16.59 1.75
CA LEU C 144 0.81 15.39 1.19
C LEU C 144 1.80 14.67 0.29
N PHE C 145 2.58 15.45 -0.45
CA PHE C 145 3.46 14.93 -1.48
C PHE C 145 4.86 14.65 -0.96
N TYR C 146 5.11 14.86 0.34
CA TYR C 146 6.45 14.70 0.87
C TYR C 146 6.98 13.28 0.66
N LYS C 147 8.23 13.20 0.24
CA LYS C 147 8.91 11.92 0.03
C LYS C 147 10.28 11.83 0.69
N GLU C 148 11.04 12.91 0.70
CA GLU C 148 12.41 12.90 1.19
C GLU C 148 12.84 14.33 1.48
N GLY C 149 13.81 14.46 2.38
CA GLY C 149 14.45 15.73 2.65
C GLY C 149 13.88 16.40 3.89
N ILE C 150 14.38 17.61 4.13
CA ILE C 150 13.93 18.40 5.27
C ILE C 150 12.75 19.25 4.81
N TYR C 151 11.57 18.92 5.32
CA TYR C 151 10.35 19.58 4.91
C TYR C 151 10.32 21.02 5.38
N PHE C 152 10.08 21.94 4.45
CA PHE C 152 9.86 23.33 4.79
C PHE C 152 8.85 23.89 3.80
N GLU C 153 7.81 24.55 4.33
CA GLU C 153 6.68 25.06 3.54
C GLU C 153 6.51 26.52 3.89
N PRO C 154 6.91 27.45 3.00
CA PRO C 154 6.81 28.88 3.32
C PRO C 154 5.46 29.37 3.82
N ASP C 155 4.37 28.74 3.42
CA ASP C 155 3.03 29.17 3.81
C ASP C 155 2.55 28.48 5.08
N CYS C 156 3.43 27.82 5.83
CA CYS C 156 3.02 27.10 7.03
C CYS C 156 2.67 28.09 8.14
N SER C 157 1.71 27.70 8.98
CA SER C 157 1.29 28.49 10.12
C SER C 157 1.90 27.92 11.40
N SER C 158 2.39 28.79 12.26
CA SER C 158 2.88 28.36 13.57
C SER C 158 1.80 28.39 14.65
N GLU C 159 0.55 28.70 14.28
CA GLU C 159 -0.50 28.91 15.26
C GLU C 159 -1.73 28.05 14.98
N ASP C 160 -1.96 27.72 13.72
CA ASP C 160 -3.17 27.00 13.30
C ASP C 160 -2.75 25.61 12.83
N MET C 161 -2.70 24.69 13.78
CA MET C 161 -2.34 23.31 13.51
C MET C 161 -3.60 22.47 13.30
N ASP C 162 -3.45 21.42 12.51
CA ASP C 162 -4.58 20.58 12.13
C ASP C 162 -4.25 19.09 12.12
N HIS C 163 -3.07 18.70 12.60
CA HIS C 163 -2.62 17.33 12.40
C HIS C 163 -1.70 16.94 13.56
N GLY C 164 -2.01 15.83 14.22
CA GLY C 164 -1.19 15.32 15.30
C GLY C 164 -0.20 14.27 14.82
N VAL C 165 1.05 14.41 15.25
CA VAL C 165 2.08 13.46 14.86
C VAL C 165 2.97 13.20 16.07
N LEU C 166 4.08 12.49 15.87
CA LEU C 166 4.93 12.06 16.96
C LEU C 166 6.38 12.37 16.64
N VAL C 167 7.03 13.18 17.47
CA VAL C 167 8.45 13.46 17.31
C VAL C 167 9.20 12.32 17.98
N VAL C 168 10.03 11.61 17.22
CA VAL C 168 10.78 10.48 17.73
C VAL C 168 12.27 10.77 17.79
N GLY C 169 12.69 11.95 17.35
CA GLY C 169 14.07 12.35 17.51
C GLY C 169 14.34 13.64 16.76
N TYR C 170 15.62 13.90 16.53
CA TYR C 170 16.02 15.13 15.87
C TYR C 170 17.45 14.96 15.42
N GLY C 171 17.87 15.84 14.51
CA GLY C 171 19.20 15.73 13.97
C GLY C 171 19.63 16.98 13.26
N PHE C 172 20.75 16.86 12.57
CA PHE C 172 21.41 18.00 11.95
C PHE C 172 21.84 17.62 10.55
N GLU C 173 22.16 18.63 9.76
CA GLU C 173 22.60 18.38 8.40
C GLU C 173 24.06 18.00 8.35
N SER C 174 24.89 18.60 9.19
CA SER C 174 26.32 18.32 9.22
C SER C 174 26.85 18.23 10.65
N ASP C 178 24.08 23.45 12.65
CA ASP C 178 24.11 24.68 11.86
C ASP C 178 22.78 24.90 11.13
N ASN C 179 22.84 24.87 9.80
CA ASN C 179 21.64 25.02 8.99
C ASN C 179 20.89 23.70 8.86
N ASN C 180 19.59 23.80 8.57
CA ASN C 180 18.80 22.63 8.17
C ASN C 180 18.88 21.51 9.20
N LYS C 181 18.80 21.87 10.47
CA LYS C 181 18.48 20.85 11.47
C LYS C 181 17.05 20.37 11.26
N TYR C 182 16.71 19.23 11.86
CA TYR C 182 15.39 18.66 11.64
C TYR C 182 14.86 17.92 12.85
N TRP C 183 13.52 17.81 12.89
CA TRP C 183 12.78 16.92 13.76
C TRP C 183 12.47 15.64 13.00
N LEU C 184 12.67 14.51 13.66
CA LEU C 184 12.30 13.21 13.10
C LEU C 184 10.89 12.86 13.57
N VAL C 185 9.95 12.79 12.63
CA VAL C 185 8.53 12.75 12.94
C VAL C 185 7.92 11.51 12.30
N LYS C 186 7.21 10.75 13.11
CA LYS C 186 6.41 9.63 12.65
C LYS C 186 5.00 10.13 12.37
N ASN C 187 4.51 9.86 11.17
CA ASN C 187 3.16 10.18 10.75
C ASN C 187 2.33 8.90 10.83
N SER C 188 1.03 9.03 10.58
CA SER C 188 0.09 7.90 10.60
C SER C 188 -0.65 7.76 9.27
N TRP C 189 0.07 7.95 8.17
CA TRP C 189 -0.50 7.81 6.84
C TRP C 189 0.05 6.61 6.07
N GLY C 190 0.60 5.63 6.78
CA GLY C 190 1.14 4.45 6.13
C GLY C 190 2.60 4.61 5.71
N GLU C 191 3.19 3.46 5.37
CA GLU C 191 4.60 3.37 4.99
C GLU C 191 4.88 3.99 3.64
N GLU C 192 3.85 4.08 2.78
CA GLU C 192 4.01 4.59 1.42
C GLU C 192 4.22 6.09 1.41
N TRP C 193 3.81 6.78 2.46
CA TRP C 193 3.97 8.23 2.53
C TRP C 193 5.35 8.56 3.07
N GLY C 194 5.95 9.61 2.51
CA GLY C 194 7.20 10.12 3.06
C GLY C 194 8.30 9.10 3.03
N MET C 195 9.14 9.15 4.05
CA MET C 195 10.33 8.31 4.14
C MET C 195 9.98 7.11 5.02
N GLY C 196 9.44 6.07 4.41
CA GLY C 196 8.91 4.96 5.19
C GLY C 196 7.85 5.37 6.19
N GLY C 197 7.10 6.45 5.93
CA GLY C 197 6.09 6.96 6.84
C GLY C 197 6.57 8.06 7.77
N TYR C 198 7.84 8.41 7.71
CA TYR C 198 8.47 9.43 8.51
C TYR C 198 8.71 10.68 7.70
N VAL C 199 8.88 11.79 8.39
CA VAL C 199 9.22 13.05 7.76
C VAL C 199 10.26 13.77 8.60
N LYS C 200 11.24 14.36 7.93
CA LYS C 200 12.17 15.28 8.59
C LYS C 200 11.58 16.68 8.45
N MET C 201 11.20 17.27 9.57
N MET C 201 11.20 17.29 9.56
CA MET C 201 10.62 18.61 9.62
CA MET C 201 10.61 18.62 9.54
C MET C 201 11.68 19.62 10.02
C MET C 201 11.60 19.65 10.05
N ALA C 202 11.67 20.78 9.35
CA ALA C 202 12.59 21.86 9.70
C ALA C 202 12.53 22.17 11.19
N LYS C 203 13.72 22.15 11.80
CA LYS C 203 13.92 22.45 13.22
C LYS C 203 14.69 23.75 13.38
N ASP C 204 14.24 24.57 14.34
CA ASP C 204 14.90 25.82 14.69
C ASP C 204 14.78 26.84 13.55
N ARG C 205 13.61 26.87 12.91
CA ARG C 205 13.27 27.82 11.87
C ARG C 205 11.93 28.46 12.20
N ARG C 206 11.90 29.21 13.31
CA ARG C 206 10.74 30.00 13.70
C ARG C 206 9.53 29.12 13.98
N ASN C 207 9.76 28.01 14.69
CA ASN C 207 8.71 27.09 15.10
C ASN C 207 7.87 26.67 13.89
N HIS C 208 8.56 26.07 12.93
CA HIS C 208 7.97 25.80 11.63
C HIS C 208 6.78 24.86 11.74
N CYS C 209 5.65 25.30 11.17
CA CYS C 209 4.39 24.55 11.15
C CYS C 209 3.86 24.31 12.56
N GLY C 210 4.34 25.06 13.55
CA GLY C 210 3.77 25.03 14.89
C GLY C 210 4.14 23.81 15.67
N ILE C 211 5.27 23.18 15.35
CA ILE C 211 5.56 21.87 15.90
C ILE C 211 5.79 21.93 17.41
N ALA C 212 6.16 23.08 17.96
CA ALA C 212 6.31 23.19 19.40
C ALA C 212 5.12 23.89 20.05
N SER C 213 4.07 24.19 19.29
CA SER C 213 2.98 24.97 19.84
C SER C 213 2.09 24.13 20.74
N ALA C 214 2.10 22.82 20.59
CA ALA C 214 1.18 21.94 21.33
C ALA C 214 1.80 20.55 21.53
N ALA C 215 2.93 20.51 22.23
CA ALA C 215 3.69 19.29 22.47
C ALA C 215 3.33 18.78 23.86
N SER C 216 3.25 17.45 24.00
CA SER C 216 2.91 16.87 25.30
C SER C 216 3.27 15.39 25.31
N TYR C 217 3.25 14.81 26.51
CA TYR C 217 3.45 13.38 26.63
C TYR C 217 2.75 12.88 27.89
N PRO C 218 2.42 11.59 27.95
CA PRO C 218 1.68 11.08 29.11
C PRO C 218 2.63 10.75 30.24
N THR C 219 2.12 10.92 31.46
CA THR C 219 2.88 10.59 32.65
C THR C 219 2.63 9.13 32.97
N VAL C 220 3.70 8.34 32.92
CA VAL C 220 3.64 6.92 33.19
C VAL C 220 4.60 6.67 34.35
N ALA D 1 -1.71 0.10 -33.38
CA ALA D 1 -0.98 1.25 -32.76
C ALA D 1 0.47 0.84 -32.53
N PRO D 2 1.35 1.82 -32.30
CA PRO D 2 2.71 1.49 -31.91
C PRO D 2 2.72 0.81 -30.54
N ARG D 3 3.80 0.09 -30.24
CA ARG D 3 3.81 -0.58 -28.95
C ARG D 3 4.02 0.40 -27.80
N SER D 4 4.59 1.58 -28.07
CA SER D 4 4.70 2.63 -27.08
C SER D 4 4.67 3.97 -27.80
N VAL D 5 4.22 4.99 -27.06
CA VAL D 5 4.08 6.35 -27.55
C VAL D 5 4.49 7.29 -26.44
N ASP D 6 5.20 8.37 -26.78
CA ASP D 6 5.50 9.41 -25.78
C ASP D 6 5.60 10.73 -26.53
N TRP D 7 4.53 11.52 -26.48
CA TRP D 7 4.43 12.74 -27.25
C TRP D 7 5.33 13.84 -26.70
N ARG D 8 5.85 13.69 -25.49
CA ARG D 8 6.84 14.64 -25.00
C ARG D 8 8.07 14.69 -25.89
N GLU D 9 8.49 13.53 -26.40
CA GLU D 9 9.70 13.45 -27.22
C GLU D 9 9.49 14.10 -28.56
N LYS D 10 8.23 14.33 -28.94
CA LYS D 10 7.89 14.93 -30.22
C LYS D 10 7.59 16.42 -30.13
N GLY D 11 7.68 17.01 -28.94
CA GLY D 11 7.49 18.43 -28.79
C GLY D 11 6.07 18.88 -28.57
N TYR D 12 5.17 17.96 -28.22
CA TYR D 12 3.75 18.27 -28.12
C TYR D 12 3.32 18.74 -26.73
N VAL D 13 4.20 18.70 -25.74
CA VAL D 13 3.77 18.78 -24.34
C VAL D 13 4.59 19.82 -23.58
N THR D 14 3.88 20.74 -22.92
CA THR D 14 4.51 21.75 -22.08
C THR D 14 4.95 21.15 -20.76
N PRO D 15 5.77 21.85 -19.98
CA PRO D 15 6.13 21.36 -18.64
C PRO D 15 4.91 21.22 -17.75
N VAL D 16 5.10 20.43 -16.69
CA VAL D 16 4.05 20.23 -15.71
C VAL D 16 3.74 21.53 -15.00
N LYS D 17 2.45 21.79 -14.82
CA LYS D 17 1.92 22.96 -14.15
C LYS D 17 1.28 22.56 -12.83
N ASN D 18 0.82 23.56 -12.10
CA ASN D 18 0.25 23.29 -10.78
C ASN D 18 -1.02 24.12 -10.62
N GLN D 19 -2.15 23.44 -10.48
CA GLN D 19 -3.43 24.11 -10.35
C GLN D 19 -3.66 24.70 -8.96
N GLY D 20 -2.82 24.39 -7.99
CA GLY D 20 -3.02 24.95 -6.69
C GLY D 20 -4.24 24.32 -6.02
N GLN D 21 -4.86 25.10 -5.16
CA GLN D 21 -6.02 24.64 -4.39
C GLN D 21 -7.31 25.16 -5.00
N CYS D 22 -7.41 25.00 -6.32
CA CYS D 22 -8.55 25.38 -7.13
C CYS D 22 -8.98 24.12 -7.90
N GLY D 23 -10.29 23.87 -7.96
CA GLY D 23 -10.78 22.72 -8.71
C GLY D 23 -10.79 22.94 -10.22
N SER D 24 -9.62 23.24 -10.79
CA SER D 24 -9.49 23.59 -12.19
C SER D 24 -8.77 22.52 -13.01
N CYS D 25 -8.70 21.28 -12.51
CA CYS D 25 -8.01 20.22 -13.23
C CYS D 25 -8.50 20.13 -14.66
N TRP D 26 -9.80 20.36 -14.88
CA TRP D 26 -10.38 20.28 -16.21
C TRP D 26 -9.76 21.28 -17.18
N ALA D 27 -9.42 22.47 -16.67
CA ALA D 27 -8.79 23.49 -17.50
C ALA D 27 -7.38 23.11 -17.91
N PHE D 28 -6.61 22.49 -17.00
CA PHE D 28 -5.25 22.03 -17.32
C PHE D 28 -5.29 20.87 -18.30
N SER D 29 -6.25 19.97 -18.13
CA SER D 29 -6.42 18.89 -19.09
C SER D 29 -6.74 19.45 -20.46
N ALA D 30 -7.64 20.42 -20.52
CA ALA D 30 -8.04 20.98 -21.81
C ALA D 30 -6.90 21.73 -22.47
N THR D 31 -6.18 22.56 -21.72
CA THR D 31 -5.07 23.29 -22.35
C THR D 31 -4.00 22.33 -22.82
N GLY D 32 -3.73 21.27 -22.06
CA GLY D 32 -2.78 20.27 -22.51
C GLY D 32 -3.14 19.66 -23.84
N ALA D 33 -4.40 19.27 -24.00
CA ALA D 33 -4.83 18.69 -25.26
C ALA D 33 -4.78 19.71 -26.38
N LEU D 34 -5.17 20.96 -26.10
CA LEU D 34 -5.15 22.00 -27.14
C LEU D 34 -3.72 22.42 -27.49
N GLU D 35 -2.81 22.45 -26.50
CA GLU D 35 -1.39 22.67 -26.78
C GLU D 35 -0.86 21.64 -27.77
N GLY D 36 -1.24 20.38 -27.58
CA GLY D 36 -0.77 19.33 -28.46
C GLY D 36 -1.29 19.50 -29.87
N GLN D 37 -2.59 19.77 -29.99
CA GLN D 37 -3.18 19.89 -31.32
C GLN D 37 -2.72 21.16 -32.01
N MET D 38 -2.53 22.25 -31.27
CA MET D 38 -1.99 23.44 -31.93
C MET D 38 -0.58 23.18 -32.43
N PHE D 39 0.19 22.37 -31.69
CA PHE D 39 1.53 22.04 -32.13
C PHE D 39 1.49 21.19 -33.39
N ARG D 40 0.61 20.20 -33.41
CA ARG D 40 0.46 19.42 -34.63
C ARG D 40 0.12 20.30 -35.81
N LYS D 41 -0.64 21.37 -35.59
CA LYS D 41 -1.09 22.21 -36.69
C LYS D 41 -0.01 23.19 -37.13
N THR D 42 0.71 23.81 -36.18
CA THR D 42 1.61 24.91 -36.48
C THR D 42 3.08 24.59 -36.33
N GLY D 43 3.42 23.54 -35.58
CA GLY D 43 4.79 23.25 -35.27
C GLY D 43 5.36 24.10 -34.16
N ARG D 44 4.54 24.90 -33.49
N ARG D 44 4.54 24.86 -33.46
CA ARG D 44 4.99 25.70 -32.37
CA ARG D 44 5.00 25.72 -32.37
C ARG D 44 4.23 25.28 -31.12
C ARG D 44 4.23 25.39 -31.10
N LEU D 45 4.96 25.06 -30.03
CA LEU D 45 4.36 24.73 -28.75
C LEU D 45 4.26 26.03 -27.95
N ILE D 46 3.04 26.42 -27.58
CA ILE D 46 2.80 27.64 -26.81
C ILE D 46 1.89 27.29 -25.64
N SER D 47 2.38 27.50 -24.43
CA SER D 47 1.58 27.23 -23.25
C SER D 47 0.34 28.11 -23.22
N LEU D 48 -0.82 27.49 -22.96
CA LEU D 48 -2.12 28.15 -22.99
C LEU D 48 -2.67 28.50 -21.60
N SER D 49 -3.60 29.45 -21.58
CA SER D 49 -4.05 30.05 -20.32
C SER D 49 -5.18 29.24 -19.68
N GLU D 50 -4.89 28.56 -18.56
CA GLU D 50 -5.97 27.94 -17.81
C GLU D 50 -6.88 28.99 -17.19
N GLN D 51 -6.30 30.11 -16.74
CA GLN D 51 -7.09 31.17 -16.13
C GLN D 51 -8.15 31.66 -17.10
N ASN D 52 -7.81 31.76 -18.39
CA ASN D 52 -8.77 32.17 -19.41
C ASN D 52 -9.96 31.24 -19.39
N LEU D 53 -9.72 29.94 -19.27
CA LEU D 53 -10.83 29.00 -19.20
C LEU D 53 -11.60 29.12 -17.87
N VAL D 54 -10.88 29.24 -16.75
CA VAL D 54 -11.55 29.35 -15.46
C VAL D 54 -12.47 30.56 -15.42
N ASP D 55 -11.98 31.72 -15.91
CA ASP D 55 -12.73 32.97 -15.78
C ASP D 55 -13.88 33.09 -16.78
N CYS D 56 -13.78 32.43 -17.95
CA CYS D 56 -14.57 32.81 -19.11
C CYS D 56 -15.49 31.73 -19.64
N SER D 57 -15.31 30.46 -19.28
CA SER D 57 -16.09 29.37 -19.90
C SER D 57 -17.30 28.94 -19.06
N GLY D 58 -17.79 29.79 -18.14
CA GLY D 58 -19.05 29.53 -17.49
C GLY D 58 -20.21 29.35 -18.44
N PRO D 59 -20.32 30.14 -19.51
CA PRO D 59 -21.50 30.01 -20.37
C PRO D 59 -21.59 28.66 -21.04
N GLN D 60 -20.47 27.96 -21.21
CA GLN D 60 -20.48 26.62 -21.77
C GLN D 60 -20.71 25.55 -20.73
N GLY D 61 -20.87 25.93 -19.46
CA GLY D 61 -21.24 25.02 -18.40
C GLY D 61 -20.18 24.78 -17.34
N ASN D 62 -19.01 25.39 -17.45
CA ASN D 62 -17.96 25.22 -16.46
C ASN D 62 -18.23 26.09 -15.24
N GLU D 63 -17.63 25.71 -14.13
CA GLU D 63 -17.92 26.37 -12.85
C GLU D 63 -16.63 26.74 -12.14
N GLY D 64 -15.63 27.14 -12.90
CA GLY D 64 -14.45 27.76 -12.32
C GLY D 64 -13.69 26.80 -11.43
N CYS D 65 -13.41 27.27 -10.22
CA CYS D 65 -12.72 26.43 -9.25
C CYS D 65 -13.63 25.38 -8.63
N ASN D 66 -14.91 25.38 -8.96
CA ASN D 66 -15.83 24.36 -8.45
C ASN D 66 -16.05 23.24 -9.45
N GLY D 67 -15.31 23.22 -10.54
CA GLY D 67 -15.32 22.09 -11.44
C GLY D 67 -15.70 22.50 -12.85
N GLY D 68 -15.55 21.53 -13.74
CA GLY D 68 -15.82 21.74 -15.14
C GLY D 68 -15.56 20.48 -15.93
N LEU D 69 -15.58 20.63 -17.25
CA LEU D 69 -15.41 19.51 -18.15
C LEU D 69 -14.55 20.01 -19.32
N MET D 70 -13.63 19.16 -19.75
CA MET D 70 -12.78 19.55 -20.86
C MET D 70 -13.59 19.84 -22.11
N ASP D 71 -14.66 19.08 -22.36
CA ASP D 71 -15.46 19.35 -23.57
C ASP D 71 -16.08 20.73 -23.51
N TYR D 72 -16.48 21.18 -22.32
CA TYR D 72 -17.04 22.52 -22.20
C TYR D 72 -15.96 23.55 -22.47
N ALA D 73 -14.70 23.24 -22.11
CA ALA D 73 -13.61 24.15 -22.41
C ALA D 73 -13.34 24.21 -23.92
N PHE D 74 -13.34 23.06 -24.60
CA PHE D 74 -13.16 23.04 -26.06
C PHE D 74 -14.29 23.81 -26.75
N GLN D 75 -15.51 23.67 -26.23
CA GLN D 75 -16.63 24.43 -26.75
C GLN D 75 -16.42 25.94 -26.56
N TYR D 76 -15.91 26.34 -25.40
CA TYR D 76 -15.62 27.76 -25.18
C TYR D 76 -14.65 28.31 -26.22
N VAL D 77 -13.55 27.60 -26.47
CA VAL D 77 -12.57 28.07 -27.45
C VAL D 77 -13.22 28.23 -28.82
N GLN D 78 -14.07 27.29 -29.22
CA GLN D 78 -14.76 27.40 -30.51
C GLN D 78 -15.69 28.60 -30.54
N ASP D 79 -16.55 28.73 -29.51
CA ASP D 79 -17.50 29.82 -29.40
C ASP D 79 -16.80 31.17 -29.35
N ASN D 80 -15.73 31.26 -28.59
CA ASN D 80 -15.01 32.50 -28.35
C ASN D 80 -14.10 32.86 -29.51
N GLY D 81 -13.77 31.90 -30.36
CA GLY D 81 -12.84 32.16 -31.43
C GLY D 81 -11.40 32.26 -30.99
N GLY D 82 -11.05 31.82 -29.79
CA GLY D 82 -9.67 31.90 -29.38
C GLY D 82 -9.45 31.58 -27.93
N LEU D 83 -8.17 31.51 -27.56
CA LEU D 83 -7.73 31.28 -26.19
C LEU D 83 -6.36 31.93 -26.03
N ASP D 84 -6.20 32.71 -24.98
CA ASP D 84 -4.95 33.43 -24.78
C ASP D 84 -3.82 32.54 -24.31
N SER D 85 -2.61 33.00 -24.56
CA SER D 85 -1.43 32.30 -24.10
C SER D 85 -1.31 32.38 -22.58
N GLU D 86 -0.61 31.40 -22.01
CA GLU D 86 -0.34 31.42 -20.58
C GLU D 86 0.40 32.68 -20.19
N GLU D 87 1.38 33.09 -21.02
CA GLU D 87 2.19 34.26 -20.70
C GLU D 87 1.34 35.53 -20.63
N SER D 88 0.35 35.67 -21.52
CA SER D 88 -0.46 36.88 -21.54
C SER D 88 -1.56 36.90 -20.48
N TYR D 89 -1.95 35.73 -19.99
CA TYR D 89 -3.13 35.57 -19.14
C TYR D 89 -2.77 34.55 -18.07
N PRO D 90 -1.96 34.94 -17.11
CA PRO D 90 -1.35 33.96 -16.20
C PRO D 90 -2.33 33.44 -15.17
N TYR D 91 -1.91 32.31 -14.59
CA TYR D 91 -2.75 31.54 -13.68
C TYR D 91 -2.67 32.10 -12.26
N GLU D 92 -3.86 32.29 -11.66
CA GLU D 92 -4.01 32.83 -10.31
C GLU D 92 -4.65 31.88 -9.31
N ALA D 93 -5.13 30.71 -9.75
CA ALA D 93 -5.72 29.71 -8.85
C ALA D 93 -6.92 30.24 -8.08
N THR D 94 -7.64 31.20 -8.64
CA THR D 94 -8.90 31.62 -8.06
C THR D 94 -9.70 32.25 -9.20
N GLU D 95 -11.02 32.26 -9.07
CA GLU D 95 -11.86 32.72 -10.17
C GLU D 95 -11.92 34.24 -10.20
N GLU D 96 -11.82 34.81 -11.39
CA GLU D 96 -11.93 36.26 -11.56
C GLU D 96 -12.73 36.54 -12.83
N SER D 97 -13.03 37.81 -13.06
CA SER D 97 -13.81 38.13 -14.24
C SER D 97 -12.98 37.88 -15.49
N CYS D 98 -13.69 37.65 -16.59
N CYS D 98 -13.70 37.66 -16.60
CA CYS D 98 -13.06 37.34 -17.86
CA CYS D 98 -13.08 37.40 -17.90
C CYS D 98 -12.29 38.55 -18.39
C CYS D 98 -12.27 38.59 -18.36
N LYS D 99 -11.03 38.33 -18.79
CA LYS D 99 -10.17 39.34 -19.38
C LYS D 99 -9.57 38.86 -20.70
N TYR D 100 -10.27 37.98 -21.40
CA TYR D 100 -9.83 37.52 -22.69
C TYR D 100 -9.55 38.68 -23.61
N ASN D 101 -8.41 38.61 -24.30
CA ASN D 101 -8.03 39.59 -25.33
C ASN D 101 -7.69 38.86 -26.61
N PRO D 102 -8.44 39.07 -27.70
CA PRO D 102 -8.20 38.26 -28.91
C PRO D 102 -6.86 38.56 -29.56
N LYS D 103 -6.25 39.71 -29.26
CA LYS D 103 -4.93 40.01 -29.80
C LYS D 103 -3.87 39.07 -29.26
N TYR D 104 -4.08 38.51 -28.07
CA TYR D 104 -3.14 37.57 -27.47
C TYR D 104 -3.60 36.13 -27.59
N SER D 105 -4.57 35.87 -28.46
CA SER D 105 -4.98 34.50 -28.72
C SER D 105 -3.93 33.78 -29.53
N VAL D 106 -3.65 32.55 -29.15
CA VAL D 106 -2.66 31.74 -29.86
C VAL D 106 -3.23 30.38 -30.22
N ALA D 107 -4.53 30.18 -29.97
CA ALA D 107 -5.17 28.89 -30.23
C ALA D 107 -6.61 29.08 -30.65
N ASN D 108 -7.14 28.06 -31.33
CA ASN D 108 -8.51 28.03 -31.81
C ASN D 108 -8.90 26.57 -31.89
N ASP D 109 -10.20 26.28 -31.84
CA ASP D 109 -10.66 24.95 -32.22
C ASP D 109 -12.04 25.04 -32.86
N ALA D 110 -12.39 23.95 -33.54
CA ALA D 110 -13.62 23.85 -34.29
C ALA D 110 -14.54 22.81 -33.69
N GLY D 111 -14.42 22.58 -32.39
CA GLY D 111 -15.23 21.59 -31.71
C GLY D 111 -14.35 20.51 -31.12
N PHE D 112 -14.91 19.33 -30.90
CA PHE D 112 -14.16 18.30 -30.22
C PHE D 112 -14.72 16.93 -30.60
N VAL D 113 -13.91 15.91 -30.32
CA VAL D 113 -14.24 14.53 -30.64
C VAL D 113 -14.23 13.77 -29.33
N ASP D 114 -15.34 13.10 -29.02
CA ASP D 114 -15.41 12.19 -27.88
C ASP D 114 -15.05 10.79 -28.33
N ILE D 115 -14.10 10.17 -27.64
CA ILE D 115 -13.61 8.85 -28.00
C ILE D 115 -14.53 7.78 -27.43
N PRO D 116 -14.85 6.71 -28.17
CA PRO D 116 -15.63 5.61 -27.60
C PRO D 116 -15.02 5.14 -26.28
N LYS D 117 -15.88 4.59 -25.42
CA LYS D 117 -15.48 4.36 -24.04
C LYS D 117 -14.83 2.99 -23.89
N GLN D 118 -13.71 2.80 -24.60
CA GLN D 118 -12.93 1.59 -24.53
C GLN D 118 -11.47 1.93 -24.70
N GLU D 119 -10.60 1.12 -24.08
CA GLU D 119 -9.17 1.42 -24.08
C GLU D 119 -8.50 1.16 -25.41
N LYS D 120 -9.05 0.29 -26.25
CA LYS D 120 -8.51 0.14 -27.59
C LYS D 120 -8.67 1.43 -28.39
N ALA D 121 -9.85 2.04 -28.30
CA ALA D 121 -10.11 3.30 -28.99
C ALA D 121 -9.23 4.41 -28.42
N LEU D 122 -9.08 4.45 -27.10
CA LEU D 122 -8.22 5.46 -26.50
C LEU D 122 -6.79 5.31 -26.99
N MET D 123 -6.30 4.08 -27.10
CA MET D 123 -4.94 3.87 -27.60
C MET D 123 -4.81 4.37 -29.03
N LYS D 124 -5.78 4.03 -29.88
CA LYS D 124 -5.73 4.49 -31.26
C LYS D 124 -5.69 6.02 -31.32
N ALA D 125 -6.48 6.70 -30.50
CA ALA D 125 -6.49 8.16 -30.49
C ALA D 125 -5.16 8.72 -30.02
N VAL D 126 -4.64 8.18 -28.91
CA VAL D 126 -3.34 8.63 -28.45
C VAL D 126 -2.30 8.43 -29.54
N ALA D 127 -2.34 7.30 -30.22
CA ALA D 127 -1.30 7.03 -31.21
C ALA D 127 -1.41 7.94 -32.43
N THR D 128 -2.61 8.32 -32.81
CA THR D 128 -2.81 8.96 -34.11
C THR D 128 -3.10 10.45 -34.01
N VAL D 129 -3.50 10.94 -32.85
CA VAL D 129 -3.97 12.31 -32.69
C VAL D 129 -2.94 13.15 -31.94
N GLY D 130 -2.53 12.69 -30.77
CA GLY D 130 -1.73 13.48 -29.88
C GLY D 130 -2.20 13.21 -28.47
N PRO D 131 -1.75 14.03 -27.53
CA PRO D 131 -2.25 13.92 -26.14
C PRO D 131 -3.75 14.07 -26.11
N ILE D 132 -4.38 13.32 -25.19
CA ILE D 132 -5.83 13.19 -25.10
C ILE D 132 -6.28 13.57 -23.69
N SER D 133 -7.32 14.41 -23.61
CA SER D 133 -7.89 14.74 -22.31
C SER D 133 -8.71 13.57 -21.79
N VAL D 134 -8.52 13.23 -20.51
CA VAL D 134 -9.27 12.14 -19.90
C VAL D 134 -9.67 12.53 -18.49
N ALA D 135 -10.69 11.85 -17.99
CA ALA D 135 -11.10 11.94 -16.60
C ALA D 135 -10.79 10.62 -15.89
N ILE D 136 -10.33 10.71 -14.64
CA ILE D 136 -10.00 9.51 -13.86
C ILE D 136 -10.57 9.63 -12.46
N ASP D 137 -10.74 8.48 -11.81
CA ASP D 137 -11.05 8.43 -10.38
C ASP D 137 -9.72 8.58 -9.67
N ALA D 138 -9.41 9.80 -9.19
CA ALA D 138 -8.19 10.08 -8.46
C ALA D 138 -8.40 10.13 -6.94
N GLY D 139 -9.59 9.75 -6.47
CA GLY D 139 -10.06 10.00 -5.12
C GLY D 139 -9.61 8.99 -4.09
N HIS D 140 -8.31 8.72 -4.09
CA HIS D 140 -7.72 7.77 -3.15
C HIS D 140 -6.38 8.27 -2.66
N GLU D 141 -6.09 7.95 -1.40
CA GLU D 141 -4.79 8.32 -0.84
C GLU D 141 -3.64 7.74 -1.63
N SER D 142 -3.80 6.54 -2.21
CA SER D 142 -2.72 5.95 -2.98
C SER D 142 -2.34 6.83 -4.18
N PHE D 143 -3.31 7.56 -4.73
CA PHE D 143 -3.01 8.47 -5.84
C PHE D 143 -2.27 9.72 -5.34
N LEU D 144 -2.71 10.27 -4.21
CA LEU D 144 -1.98 11.39 -3.62
C LEU D 144 -0.51 11.03 -3.38
N PHE D 145 -0.24 9.80 -2.93
CA PHE D 145 1.10 9.44 -2.48
C PHE D 145 1.90 8.70 -3.55
N TYR D 146 1.36 8.60 -4.76
CA TYR D 146 2.03 7.88 -5.84
C TYR D 146 3.44 8.40 -6.07
N LYS D 147 4.41 7.48 -6.18
CA LYS D 147 5.81 7.83 -6.43
C LYS D 147 6.34 7.29 -7.75
N GLU D 148 6.13 6.01 -8.04
N GLU D 148 6.11 6.01 -8.04
CA GLU D 148 6.70 5.38 -9.21
CA GLU D 148 6.70 5.37 -9.21
C GLU D 148 5.88 4.14 -9.53
C GLU D 148 5.90 4.11 -9.51
N GLY D 149 6.12 3.59 -10.71
CA GLY D 149 5.56 2.33 -11.11
C GLY D 149 4.18 2.53 -11.70
N ILE D 150 3.51 1.43 -11.94
CA ILE D 150 2.24 1.46 -12.63
C ILE D 150 1.15 1.50 -11.57
N TYR D 151 0.41 2.60 -11.55
CA TYR D 151 -0.61 2.81 -10.55
C TYR D 151 -1.80 1.88 -10.75
N PHE D 152 -2.16 1.15 -9.71
CA PHE D 152 -3.31 0.26 -9.75
C PHE D 152 -3.95 0.33 -8.38
N GLU D 153 -5.21 0.75 -8.33
CA GLU D 153 -5.89 0.92 -7.05
C GLU D 153 -7.12 0.03 -7.01
N PRO D 154 -7.19 -0.95 -6.10
CA PRO D 154 -8.34 -1.88 -6.10
C PRO D 154 -9.68 -1.19 -6.02
N ASP D 155 -9.78 -0.07 -5.33
CA ASP D 155 -11.07 0.59 -5.15
C ASP D 155 -11.35 1.65 -6.22
N CYS D 156 -10.63 1.63 -7.34
CA CYS D 156 -10.88 2.59 -8.40
C CYS D 156 -12.19 2.29 -9.11
N SER D 157 -12.92 3.36 -9.43
CA SER D 157 -14.17 3.28 -10.17
C SER D 157 -13.94 3.61 -11.64
N SER D 158 -14.62 2.87 -12.52
N SER D 158 -14.62 2.89 -12.52
CA SER D 158 -14.65 3.16 -13.94
CA SER D 158 -14.62 3.22 -13.94
C SER D 158 -15.77 4.12 -14.32
C SER D 158 -15.79 4.10 -14.32
N GLU D 159 -16.62 4.48 -13.35
CA GLU D 159 -17.81 5.29 -13.56
C GLU D 159 -17.79 6.65 -12.87
N ASP D 160 -17.17 6.74 -11.70
CA ASP D 160 -17.21 7.94 -10.88
C ASP D 160 -15.82 8.56 -10.96
N MET D 161 -15.58 9.33 -12.00
CA MET D 161 -14.31 10.05 -12.15
C MET D 161 -14.45 11.44 -11.52
N ASP D 162 -13.35 11.97 -11.00
CA ASP D 162 -13.40 13.25 -10.29
C ASP D 162 -12.25 14.18 -10.65
N HIS D 163 -11.44 13.84 -11.65
CA HIS D 163 -10.20 14.56 -11.88
C HIS D 163 -9.82 14.48 -13.36
N GLY D 164 -9.50 15.63 -13.95
CA GLY D 164 -9.15 15.68 -15.35
C GLY D 164 -7.63 15.73 -15.48
N VAL D 165 -7.12 14.90 -16.40
CA VAL D 165 -5.69 14.80 -16.67
C VAL D 165 -5.46 14.61 -18.17
N LEU D 166 -4.21 14.34 -18.55
CA LEU D 166 -3.81 14.31 -19.95
C LEU D 166 -2.99 13.07 -20.24
N VAL D 167 -3.47 12.25 -21.15
CA VAL D 167 -2.70 11.08 -21.59
C VAL D 167 -1.73 11.53 -22.67
N VAL D 168 -0.44 11.36 -22.43
CA VAL D 168 0.58 11.78 -23.38
C VAL D 168 1.30 10.62 -24.02
N GLY D 169 0.90 9.39 -23.69
CA GLY D 169 1.53 8.22 -24.28
C GLY D 169 1.13 6.98 -23.52
N TYR D 170 1.86 5.91 -23.80
CA TYR D 170 1.58 4.61 -23.20
C TYR D 170 2.77 3.72 -23.50
N GLY D 171 2.86 2.63 -22.76
CA GLY D 171 3.95 1.69 -22.99
C GLY D 171 3.82 0.49 -22.09
N PHE D 172 4.95 -0.15 -21.85
CA PHE D 172 4.96 -1.31 -20.97
C PHE D 172 6.30 -1.35 -20.24
N GLU D 173 6.25 -2.00 -19.08
CA GLU D 173 7.42 -2.31 -18.27
C GLU D 173 7.66 -3.82 -18.28
N SER D 174 8.87 -4.19 -17.87
CA SER D 174 9.30 -5.58 -17.86
C SER D 174 9.23 -6.22 -19.25
N THR D 175 9.17 -7.55 -19.28
CA THR D 175 9.04 -8.27 -20.53
C THR D 175 7.68 -8.04 -21.15
N GLU D 176 7.65 -7.86 -22.46
CA GLU D 176 6.41 -7.51 -23.14
C GLU D 176 5.31 -8.51 -22.85
N SER D 177 5.67 -9.79 -22.80
CA SER D 177 4.70 -10.86 -22.60
C SER D 177 4.05 -10.84 -21.23
N ASP D 178 4.60 -10.09 -20.26
CA ASP D 178 3.98 -9.95 -18.93
C ASP D 178 2.74 -9.06 -18.96
N ASN D 179 2.50 -8.33 -20.06
CA ASN D 179 1.34 -7.42 -20.16
C ASN D 179 1.32 -6.40 -19.03
N ASN D 180 2.49 -5.89 -18.71
CA ASN D 180 2.67 -4.87 -17.68
C ASN D 180 2.59 -3.51 -18.35
N LYS D 181 1.37 -3.12 -18.70
CA LYS D 181 1.13 -1.98 -19.57
C LYS D 181 0.63 -0.78 -18.79
N TYR D 182 0.99 0.41 -19.30
CA TYR D 182 0.53 1.63 -18.65
C TYR D 182 0.16 2.72 -19.66
N TRP D 183 -0.68 3.64 -19.19
CA TRP D 183 -0.90 4.94 -19.80
C TRP D 183 0.06 5.94 -19.15
N LEU D 184 0.71 6.77 -19.95
CA LEU D 184 1.55 7.83 -19.42
C LEU D 184 0.71 9.10 -19.30
N VAL D 185 0.58 9.61 -18.09
CA VAL D 185 -0.42 10.61 -17.76
C VAL D 185 0.23 11.82 -17.12
N LYS D 186 -0.07 13.00 -17.66
CA LYS D 186 0.44 14.26 -17.11
C LYS D 186 -0.61 14.80 -16.17
N ASN D 187 -0.22 15.09 -14.92
CA ASN D 187 -1.10 15.69 -13.93
C ASN D 187 -0.78 17.18 -13.83
N SER D 188 -1.58 17.90 -13.05
CA SER D 188 -1.43 19.32 -12.82
C SER D 188 -1.31 19.63 -11.33
N TRP D 189 -0.53 18.83 -10.62
CA TRP D 189 -0.25 19.03 -9.21
C TRP D 189 1.21 19.40 -8.97
N GLY D 190 1.91 19.90 -9.98
CA GLY D 190 3.30 20.26 -9.80
C GLY D 190 4.23 19.08 -9.99
N GLU D 191 5.52 19.39 -10.14
CA GLU D 191 6.45 18.32 -10.48
C GLU D 191 6.88 17.54 -9.25
N GLU D 192 6.57 18.04 -8.04
CA GLU D 192 6.90 17.31 -6.81
C GLU D 192 5.98 16.12 -6.60
N TRP D 193 4.80 16.12 -7.20
CA TRP D 193 3.89 15.00 -7.12
C TRP D 193 4.32 13.90 -8.08
N GLY D 194 4.16 12.64 -7.67
CA GLY D 194 4.39 11.54 -8.59
C GLY D 194 5.78 11.53 -9.16
N MET D 195 5.86 11.15 -10.43
N MET D 195 5.86 11.16 -10.43
CA MET D 195 7.13 11.01 -11.15
CA MET D 195 7.15 11.02 -11.12
C MET D 195 7.35 12.27 -11.97
C MET D 195 7.38 12.26 -11.96
N GLY D 196 7.94 13.28 -11.32
CA GLY D 196 8.09 14.57 -11.96
C GLY D 196 6.78 15.16 -12.41
N GLY D 197 5.68 14.86 -11.71
CA GLY D 197 4.37 15.35 -12.09
C GLY D 197 3.57 14.42 -12.96
N TYR D 198 4.15 13.30 -13.36
CA TYR D 198 3.53 12.28 -14.19
C TYR D 198 3.17 11.04 -13.37
N VAL D 199 2.27 10.24 -13.94
CA VAL D 199 1.88 8.95 -13.38
C VAL D 199 1.68 7.96 -14.51
N LYS D 200 2.16 6.75 -14.31
CA LYS D 200 1.87 5.61 -15.16
C LYS D 200 0.62 4.91 -14.60
N MET D 201 -0.45 4.87 -15.37
N MET D 201 -0.46 4.92 -15.38
CA MET D 201 -1.69 4.31 -14.88
CA MET D 201 -1.75 4.36 -14.95
C MET D 201 -2.01 3.01 -15.58
C MET D 201 -1.97 2.99 -15.59
N ALA D 202 -2.56 2.06 -14.84
CA ALA D 202 -2.85 0.74 -15.36
C ALA D 202 -3.62 0.75 -16.68
N LYS D 203 -3.12 -0.02 -17.63
CA LYS D 203 -3.68 -0.09 -18.97
C LYS D 203 -4.13 -1.51 -19.29
N ASP D 204 -5.27 -1.59 -19.97
CA ASP D 204 -5.86 -2.83 -20.47
C ASP D 204 -6.26 -3.74 -19.31
N ARG D 205 -6.77 -3.11 -18.27
CA ARG D 205 -7.43 -3.77 -17.16
C ARG D 205 -8.89 -3.33 -17.10
N ARG D 206 -9.60 -3.39 -18.24
CA ARG D 206 -11.01 -3.03 -18.30
C ARG D 206 -11.26 -1.64 -17.73
N ASN D 207 -10.53 -0.67 -18.25
CA ASN D 207 -10.82 0.74 -18.04
C ASN D 207 -10.62 1.13 -16.57
N HIS D 208 -9.43 0.81 -16.07
CA HIS D 208 -9.08 1.07 -14.68
C HIS D 208 -9.16 2.57 -14.41
N CYS D 209 -9.82 2.92 -13.31
CA CYS D 209 -10.02 4.30 -12.85
C CYS D 209 -10.78 5.16 -13.85
N GLY D 210 -11.45 4.53 -14.81
CA GLY D 210 -12.30 5.26 -15.73
C GLY D 210 -11.58 6.00 -16.84
N ILE D 211 -10.31 5.67 -17.09
CA ILE D 211 -9.48 6.52 -17.94
C ILE D 211 -10.01 6.62 -19.36
N ALA D 212 -10.74 5.61 -19.85
CA ALA D 212 -11.37 5.66 -21.17
C ALA D 212 -12.85 6.11 -21.14
N SER D 213 -13.37 6.52 -19.97
CA SER D 213 -14.80 6.79 -19.85
C SER D 213 -15.20 8.16 -20.36
N ALA D 214 -14.30 9.14 -20.35
CA ALA D 214 -14.65 10.49 -20.76
C ALA D 214 -13.45 11.14 -21.45
N ALA D 215 -12.99 10.51 -22.52
CA ALA D 215 -11.78 10.92 -23.22
C ALA D 215 -12.17 11.71 -24.45
N SER D 216 -11.44 12.80 -24.72
CA SER D 216 -11.76 13.62 -25.87
C SER D 216 -10.55 14.47 -26.25
N TYR D 217 -10.65 15.10 -27.41
CA TYR D 217 -9.63 16.04 -27.84
C TYR D 217 -10.27 17.08 -28.73
N PRO D 218 -9.64 18.25 -28.88
CA PRO D 218 -10.24 19.29 -29.71
C PRO D 218 -9.85 19.09 -31.17
N THR D 219 -10.73 19.56 -32.03
CA THR D 219 -10.45 19.56 -33.46
C THR D 219 -9.93 20.94 -33.85
N VAL D 220 -8.71 21.00 -34.36
CA VAL D 220 -8.16 22.31 -34.73
C VAL D 220 -8.04 22.42 -36.25
C1 PEG E . 26.00 1.76 -4.06
O1 PEG E . 26.74 2.97 -3.92
C2 PEG E . 25.41 1.50 -2.69
O2 PEG E . 26.07 0.33 -2.15
C3 PEG E . 26.51 0.46 -0.83
C4 PEG E . 27.97 -0.17 -0.69
O4 PEG E . 28.04 -1.34 -1.42
H11 PEG E . 25.29 1.83 -4.72
H12 PEG E . 26.56 1.00 -4.32
HO1 PEG E . 27.22 3.04 -4.62
H21 PEG E . 24.46 1.39 -2.81
H22 PEG E . 25.55 2.30 -2.16
H31 PEG E . 26.52 1.41 -0.61
H32 PEG E . 25.88 0.03 -0.24
H41 PEG E . 28.64 0.46 -1.02
H42 PEG E . 28.18 -0.35 0.24
HO4 PEG E . 28.69 -1.25 -1.96
C1 PEG F . 33.74 -3.48 23.98
O1 PEG F . 33.63 -2.63 25.07
C2 PEG F . 34.87 -2.90 23.22
O2 PEG F . 34.60 -3.00 21.82
C3 PEG F . 35.66 -2.59 21.08
C4 PEG F . 35.15 -1.66 19.95
O4 PEG F . 35.40 -0.37 20.36
H11 PEG F . 33.96 -4.40 24.23
H12 PEG F . 32.95 -3.51 23.42
HO1 PEG F . 34.35 -2.70 25.52
H21 PEG F . 35.67 -3.38 23.49
H22 PEG F . 34.96 -1.98 23.52
H31 PEG F . 36.29 -2.13 21.66
H32 PEG F . 36.11 -3.37 20.71
H41 PEG F . 35.61 -1.84 19.12
H42 PEG F . 34.21 -1.80 19.80
HO4 PEG F . 34.83 0.13 19.97
C10 RN2 G . 26.88 -12.10 -0.19
C13 RN2 G . 25.45 -14.01 0.55
C15 RN2 G . 30.31 -12.49 -1.60
C20 RN2 G . 32.68 -15.84 -0.90
C21 RN2 G . 33.17 -16.65 0.11
C22 RN2 G . 34.08 -16.15 1.02
C24 RN2 G . 34.02 -14.03 -0.10
C01 RN2 G . 32.60 -6.30 -2.06
C02 RN2 G . 31.89 -7.49 -2.64
C03 RN2 G . 30.86 -8.12 -1.71
C04 RN2 G . 29.69 -7.22 -1.34
C05 RN2 G . 28.70 -7.89 -0.37
C07 RN2 G . 28.70 -10.36 -0.37
C09 RN2 G . 28.09 -11.62 -1.00
C11 RN2 G . 26.48 -13.55 -0.46
C12 RN2 G . 25.95 -13.72 -1.88
C18 RN2 G . 32.39 -13.60 -1.98
C19 RN2 G . 33.08 -14.52 -1.00
C23 RN2 G . 34.51 -14.85 0.91
C25 RN2 G . 27.49 -7.03 -0.09
N06 RN2 G . 28.31 -9.19 -0.90
N14 RN2 G . 29.09 -12.67 -1.05
O08 RN2 G . 29.48 -10.45 0.57
O16 RN2 G . 30.67 -11.50 -2.19
O17 RN2 G . 31.04 -13.62 -1.48
O26 RN2 G . 27.80 -5.90 0.71
H102 RN2 G . 26.02 -11.45 -0.39
H101 RN2 G . 27.07 -11.99 0.87
H133 RN2 G . 25.14 -15.04 0.37
H131 RN2 G . 24.54 -13.40 0.50
H132 RN2 G . 25.82 -13.95 1.56
H201 RN2 G . 31.97 -16.25 -1.62
H211 RN2 G . 32.83 -17.69 0.18
H221 RN2 G . 34.46 -16.79 1.81
H241 RN2 G . 34.37 -13.01 -0.18
H013 RN2 G . 33.40 -5.94 -2.70
H011 RN2 G . 33.05 -6.53 -1.08
H012 RN2 G . 31.92 -5.46 -1.90
H022 RN2 G . 31.41 -7.20 -3.58
H021 RN2 G . 32.62 -8.24 -2.94
H032 RN2 G . 30.49 -9.04 -2.15
H031 RN2 G . 31.37 -8.45 -0.80
H041 RN2 G . 30.05 -6.28 -0.91
H042 RN2 G . 29.17 -6.90 -2.24
H051 RN2 G . 29.21 -8.03 0.59
H091 RN2 G . 27.77 -11.37 -2.00
H111 RN2 G . 27.34 -14.20 -0.35
H121 RN2 G . 26.69 -13.43 -2.64
H123 RN2 G . 25.66 -14.74 -2.10
H122 RN2 G . 25.08 -13.10 -2.08
H181 RN2 G . 32.80 -12.59 -1.97
H182 RN2 G . 32.44 -13.96 -3.00
H231 RN2 G . 35.22 -14.45 1.62
H252 RN2 G . 26.99 -6.74 -1.01
H061 RN2 G . 27.70 -9.18 -1.72
H141 RN2 G . 28.84 -13.56 -0.63
H261 RN2 G . 28.18 -5.21 0.11
C1 PEG H . -13.96 -32.14 0.14
O1 PEG H . -12.64 -31.89 0.53
C2 PEG H . -14.82 -32.16 1.37
O2 PEG H . -16.11 -31.60 1.02
C3 PEG H . -17.17 -31.80 1.96
C4 PEG H . -16.74 -31.19 3.33
O4 PEG H . -16.47 -32.18 4.23
H11 PEG H . -14.30 -31.48 -0.46
H12 PEG H . -14.05 -33.00 -0.30
HO1 PEG H . -12.27 -31.47 -0.12
H21 PEG H . -14.36 -31.64 2.05
H22 PEG H . -14.87 -33.08 1.68
H31 PEG H . -17.97 -31.39 1.61
H32 PEG H . -17.34 -32.76 2.03
H41 PEG H . -15.95 -30.63 3.21
H42 PEG H . -17.45 -30.62 3.67
HO4 PEG H . -17.22 -32.48 4.51
C10 RN2 I . -8.60 -22.84 -0.64
C13 RN2 I . -8.55 -20.38 -0.87
C15 RN2 I . -5.47 -24.78 -0.97
C20 RN2 I . -2.84 -23.89 -3.71
C21 RN2 I . -2.27 -23.69 -4.96
C22 RN2 I . -1.38 -24.62 -5.46
C24 RN2 I . -1.63 -25.92 -3.47
C01 RN2 I . -7.23 -31.14 -0.31
C02 RN2 I . -8.12 -30.17 0.41
C03 RN2 I . -8.61 -29.05 -0.48
C04 RN2 I . -9.85 -28.34 0.05
C05 RN2 I . -10.20 -27.08 -0.75
C07 RN2 I . -8.54 -25.30 -1.13
C09 RN2 I . -7.78 -24.13 -0.52
C11 RN2 I . -7.80 -21.58 -0.37
C12 RN2 I . -7.51 -21.44 1.11
C18 RN2 I . -3.23 -25.24 -1.64
C19 RN2 I . -2.53 -25.01 -2.95
C23 RN2 I . -1.06 -25.73 -4.72
C25 RN2 I . -11.67 -26.73 -0.65
N06 RN2 I . -9.37 -25.95 -0.32
N14 RN2 I . -6.51 -23.97 -1.21
O08 RN2 I . -8.36 -25.60 -2.31
O16 RN2 I . -5.45 -25.68 -0.15
O17 RN2 I . -4.44 -24.43 -1.75
O26 RN2 I . -12.48 -27.79 -1.16
H102 RN2 I . -9.04 -22.78 -1.63
H101 RN2 I . -9.45 -22.88 0.03
H133 RN2 I . -9.50 -20.24 -0.35
H131 RN2 I . -8.78 -20.45 -1.94
H132 RN2 I . -7.98 -19.45 -0.73
H201 RN2 I . -3.53 -23.14 -3.31
H211 RN2 I . -2.51 -22.81 -5.54
H221 RN2 I . -0.93 -24.46 -6.44
H241 RN2 I . -1.38 -26.81 -2.89
H013 RN2 I . -7.74 -31.63 -1.14
H011 RN2 I . -6.87 -31.93 0.35
H012 RN2 I . -6.35 -30.65 -0.73
H022 RN2 I . -7.60 -29.77 1.27
H021 RN2 I . -8.97 -30.71 0.83
H032 RN2 I . -8.81 -29.44 -1.48
H031 RN2 I . -7.81 -28.33 -0.63
H041 RN2 I . -10.70 -29.02 0.06
H042 RN2 I . -9.72 -28.08 1.09
H051 RN2 I . -9.99 -27.27 -1.81
H091 RN2 I . -7.61 -24.34 0.53
H111 RN2 I . -6.85 -21.63 -0.90
H121 RN2 I . -6.93 -22.28 1.50
H123 RN2 I . -8.42 -21.39 1.71
H122 RN2 I . -6.93 -20.55 1.34
H181 RN2 I . -2.63 -24.91 -0.79
H182 RN2 I . -3.46 -26.28 -1.48
H231 RN2 I . -0.36 -26.46 -5.10
H252 RN2 I . -11.97 -26.44 0.35
H061 RN2 I . -9.46 -25.68 0.65
H141 RN2 I . -6.43 -23.22 -1.88
H261 RN2 I . -12.90 -28.23 -0.38
C1 PEG J . -7.41 11.58 6.53
O1 PEG J . -7.38 12.92 6.76
C2 PEG J . -6.02 11.11 6.16
O2 PEG J . -5.72 11.58 4.83
C3 PEG J . -4.38 11.61 4.52
C4 PEG J . -4.17 12.81 3.52
O4 PEG J . -5.31 12.95 2.78
H11 PEG J . -7.70 11.09 7.31
H12 PEG J . -8.01 11.35 5.81
HO1 PEG J . -7.96 13.08 7.35
H21 PEG J . -5.40 11.47 6.83
H22 PEG J . -6.00 10.15 6.23
H31 PEG J . -3.87 11.73 5.33
H32 PEG J . -4.12 10.77 4.12
H41 PEG J . -3.97 13.62 4.00
H42 PEG J . -3.41 12.63 2.93
HO4 PEG J . -5.38 13.78 2.59
C1 PEG K . 13.57 0.05 29.07
O1 PEG K . 14.93 0.08 28.71
C2 PEG K . 13.52 0.02 30.57
O2 PEG K . 12.83 -1.20 30.95
C3 PEG K . 12.56 -1.26 32.30
C4 PEG K . 13.25 -2.55 32.88
O4 PEG K . 12.51 -3.65 32.57
H11 PEG K . 13.09 0.84 28.76
H12 PEG K . 13.11 -0.73 28.72
HO1 PEG K . 15.22 0.84 28.96
H21 PEG K . 13.08 0.83 30.87
H22 PEG K . 14.44 0.05 30.89
H31 PEG K . 12.90 -0.46 32.73
H32 PEG K . 11.60 -1.30 32.44
H41 PEG K . 14.14 -2.65 32.51
H42 PEG K . 13.34 -2.47 33.84
HO4 PEG K . 12.96 -4.11 32.02
C1 PEG L . -3.71 18.48 3.41
O1 PEG L . -4.40 19.23 2.45
C2 PEG L . -4.64 18.35 4.59
O2 PEG L . -4.13 17.28 5.45
C3 PEG L . -4.16 17.53 6.82
C4 PEG L . -5.65 17.76 7.25
O4 PEG L . -5.74 17.45 8.58
H11 PEG L . -3.46 17.61 3.08
H12 PEG L . -2.89 18.92 3.70
HO1 PEG L . -3.81 19.65 2.00
H21 PEG L . -4.67 19.20 5.03
H22 PEG L . -5.52 18.14 4.25
H31 PEG L . -3.79 16.77 7.28
H32 PEG L . -3.62 18.31 7.01
H41 PEG L . -5.90 18.68 7.09
H42 PEG L . -6.25 17.21 6.71
HO4 PEG L . -6.50 17.73 8.84
C10 RN2 M . -5.32 17.49 15.91
C13 RN2 M . -3.58 18.08 17.60
C15 RN2 M . -8.85 18.62 15.65
C20 RN2 M . -12.65 18.38 18.15
C21 RN2 M . -13.08 18.24 19.46
C22 RN2 M . -12.46 18.94 20.47
C24 RN2 M . -10.99 19.93 18.87
C01 RN2 M . -11.68 17.22 11.02
C02 RN2 M . -10.51 16.34 10.65
C03 RN2 M . -9.41 16.34 11.70
C04 RN2 M . -8.09 15.75 11.22
C05 RN2 M . -7.20 15.32 12.39
C07 RN2 M . -7.17 16.68 14.44
C09 RN2 M . -6.58 17.89 15.15
C11 RN2 M . -4.78 18.58 16.83
C12 RN2 M . -4.42 19.81 16.04
C18 RN2 M . -11.01 19.27 16.46
C19 RN2 M . -11.59 19.22 17.84
C23 RN2 M . -11.42 19.79 20.18
C25 RN2 M . -5.99 14.54 11.95
N06 RN2 M . -6.81 16.49 13.17
N14 RN2 M . -7.58 18.42 16.05
O08 RN2 M . -7.96 15.94 15.03
O16 RN2 M . -9.24 18.54 14.50
O17 RN2 M . -9.58 19.04 16.69
O26 RN2 M . -6.40 13.30 11.41
H102 RN2 M . -5.51 16.60 16.49
H101 RN2 M . -4.54 17.20 15.21
H133 RN2 M . -2.75 17.85 16.93
H131 RN2 M . -3.81 17.17 18.16
H132 RN2 M . -3.22 18.82 18.31
H201 RN2 M . -13.15 17.83 17.36
H211 RN2 M . -13.91 17.57 19.69
H221 RN2 M . -12.80 18.82 21.50
H241 RN2 M . -10.16 20.61 18.65
H013 RN2 M . -12.12 16.94 11.97
H011 RN2 M . -12.48 17.17 10.27
H012 RN2 M . -11.39 18.27 11.10
H022 RN2 M . -10.11 16.65 9.69
H021 RN2 M . -10.87 15.32 10.48
H032 RN2 M . -9.75 15.79 12.58
H031 RN2 M . -9.26 17.35 12.05
H041 RN2 M . -8.26 14.90 10.55
H042 RN2 M . -7.56 16.46 10.59
H051 RN2 M . -7.78 14.67 13.04
H091 RN2 M . -6.30 18.66 14.41
H111 RN2 M . -5.54 18.84 17.56
H121 RN2 M . -5.29 20.28 15.59
H123 RN2 M . -3.73 19.60 15.23
H122 RN2 M . -3.94 20.57 16.66
H181 RN2 M . -11.17 20.24 15.98
H182 RN2 M . -11.41 18.51 15.81
H231 RN2 M . -10.93 20.35 20.98
H252 RN2 M . -5.45 15.03 11.13
H061 RN2 M . -6.22 17.18 12.70
H141 RN2 M . -7.29 18.62 17.00
H261 RN2 M . -5.85 13.14 10.59
C1 PEG N . -4.57 17.23 -4.03
O1 PEG N . -5.40 17.32 -2.89
C2 PEG N . -4.42 18.62 -4.59
O2 PEG N . -5.75 19.07 -4.89
C3 PEG N . -5.79 20.11 -5.82
C4 PEG N . -7.06 21.02 -5.53
O4 PEG N . -8.18 20.24 -5.47
H11 PEG N . -3.69 16.87 -3.82
H12 PEG N . -4.95 16.65 -4.72
HO1 PEG N . -4.96 17.02 -2.24
H21 PEG N . -3.85 18.56 -5.37
H22 PEG N . -3.98 19.15 -3.92
H31 PEG N . -4.97 20.62 -5.74
H32 PEG N . -5.83 19.74 -6.71
H41 PEG N . -6.94 21.50 -4.69
H42 PEG N . -7.16 21.69 -6.22
HO4 PEG N . -8.41 20.07 -6.27
C10 RN2 O . -13.49 16.72 -13.78
C13 RN2 O . -13.53 15.50 -15.95
C15 RN2 O . -16.40 18.22 -12.05
C20 RN2 O . -20.49 19.17 -13.45
C21 RN2 O . -21.26 19.77 -14.43
C22 RN2 O . -21.06 21.09 -14.76
C24 RN2 O . -19.34 21.23 -13.10
C01 RN2 O . -15.36 20.19 -7.22
C02 RN2 O . -14.15 19.31 -7.38
C03 RN2 O . -13.18 19.87 -8.41
C04 RN2 O . -12.06 18.92 -8.81
C05 RN2 O . -11.71 19.04 -10.30
C07 RN2 O . -13.44 18.39 -11.94
C09 RN2 O . -14.23 17.25 -12.56
C11 RN2 O . -14.24 15.71 -14.64
C12 RN2 O . -14.39 14.40 -13.89
C18 RN2 O . -18.56 19.20 -11.83
C19 RN2 O . -19.51 19.89 -12.78
C23 RN2 O . -20.10 21.82 -14.08
C25 RN2 O . -10.23 18.84 -10.53
N06 RN2 O . -12.48 18.06 -11.06
N14 RN2 O . -15.53 17.76 -12.95
O08 RN2 O . -13.66 19.55 -12.28
O16 RN2 O . -16.24 18.22 -10.84
O17 RN2 O . -17.51 18.66 -12.67
O26 RN2 O . -9.47 19.85 -9.88
H102 RN2 O . -13.19 17.56 -14.42
H101 RN2 O . -12.54 16.28 -13.48
H133 RN2 O . -12.56 15.03 -15.81
H131 RN2 O . -13.37 16.44 -16.48
H132 RN2 O . -14.10 14.86 -16.62
H201 RN2 O . -20.67 18.13 -13.19
H211 RN2 O . -22.02 19.18 -14.94
H221 RN2 O . -21.65 21.56 -15.54
H241 RN2 O . -18.60 21.83 -12.57
H013 RN2 O . -15.09 21.20 -6.92
H011 RN2 O . -16.03 19.80 -6.46
H012 RN2 O . -15.93 20.26 -8.14
H022 RN2 O . -14.46 18.30 -7.67
H021 RN2 O . -13.65 19.19 -6.43
H032 RN2 O . -12.75 20.81 -8.03
H031 RN2 O . -13.73 20.18 -9.29
H041 RN2 O . -11.17 19.11 -8.20
H042 RN2 O . -12.33 17.90 -8.56
H051 RN2 O . -11.97 20.03 -10.65
H091 RN2 O . -14.34 16.44 -11.84
H111 RN2 O . -15.25 16.09 -14.85
H121 RN2 O . -14.96 14.50 -12.97
H123 RN2 O . -13.43 13.99 -13.60
H122 RN2 O . -14.88 13.64 -14.48
H181 RN2 O . -19.05 18.41 -11.27
H182 RN2 O . -18.15 19.89 -11.10
H231 RN2 O . -19.95 22.88 -14.33
H252 RN2 O . -9.89 17.84 -10.28
H061 RN2 O . -12.26 17.08 -10.90
H141 RN2 O . -15.75 17.75 -13.95
H261 RN2 O . -8.94 19.41 -9.17
#